data_7BW4
#
_entry.id   7BW4
#
_cell.length_a   1.00
_cell.length_b   1.00
_cell.length_c   1.00
_cell.angle_alpha   90.00
_cell.angle_beta   90.00
_cell.angle_gamma   90.00
#
_symmetry.space_group_name_H-M   'P 1'
#
loop_
_entity.id
_entity.type
_entity.pdbx_description
1 polymer 'RNA-directed RNA polymerase'
2 polymer 'Non-structural protein 8'
3 polymer 'Non-structural protein 7'
4 non-polymer 'ZINC ION'
#
loop_
_entity_poly.entity_id
_entity_poly.type
_entity_poly.pdbx_seq_one_letter_code
_entity_poly.pdbx_strand_id
1 'polypeptide(L)'
;RVCGVSAARLTPCGTGTSTDVVYRAFDIYNDKVAGFAKFLKTNCCRFQEKDEDDNLIDSYFVVKRHTFSNYQHEETIYNL
LKDCPAVAKHDFFKFRIDGDMVPHISRQRLTKYTMADLVYALRHFDEGNCDTLKEILVTYNCCDDDYFNKKDWYDFVENP
DILRVYANLGERVRQALLKTVQFCDAMRNAGIVGVLTLDNQDLNGNWYDFGDFIQTTPGSGVPVVDSYYSLLMPILTLTR
ALTAESHVDTDLTKPYIKWDLLKYDFTEERLKLFDRYFKYWDQTYHPNCVNCLDDRCILHCANFNVLFSTVFPPTSFGPL
VRKIFVDGVPFVVSTGYHFRELGVVHNQDVNLHSSRLSFKELLVYAADPAMHAASGNLLLDKRTTCFSVAALTNNVAFQT
VKPGNFNKDFYDFAVSKGFFKEGSSVELKHFFFAQDGNAAISDYDYYRYNLPTMCDIRQLLFVVEVVDKYFDCYDGGCIN
ANQVIVNNLDKSAGFPFNKWGKARLYYDSMSYEDQDALFAYTKRNVIPTITQMNLKYAISAKNRARTVAGVSICSTMTNR
QFHQKLLKSIAATRGATVVIGTSKFYGGWHNMLKTVYSDVENPHLMGWDYPKCDRAMPNMLRIMASLVLARKHTTCCSLS
HRFYRLANECAQVLSEMVMCGGSLYVKPGGTSSGDATTAYANSVFNICQAVTANVNALLSTDGNKIADKYVRNLQHRLYE
CLYRNRDVDTDFVNEFYAYLRKHFSMMILSDDAVVCFNSTYASQGLVASIKNFKSVLYYQNNVFMSEAKCWTETDLTKGP
HEFCSQHTMLVKQGDDYVYLPYPDPSRILGAGCFVDDIVKTDGTLMIERFVSLAIDAYPLTKHPNQEYADVFHLYLQYIR
KLHDELTGHMLDMYSVMLTNDNTSRYWEPEFYEAMYTPHTVLQ
;
A
2 'polypeptide(L)'
;AIASEFSSLPSYAAFATAQEAYEQAVANGDSEVVLKKLKKSLNVAKSEFDRDAAMQRKLEKMADQAMTQMYKQARSEDKR
AKVTSAMQTMLFTMLRKLDNDALNNIINNARDGCVPLNIIPLTTAAKLMVVIPDYNTYKNTCDGTTFTYASALWEIQQVV
DADSKIVQLSEISMDNSPNLAWPLIVTALRANSAVKLQ
;
B,D
3 'polypeptide(L)'
;SKMSDVKCTSVVLLSVLQQLRVESSSKLWAQCVQLHNDILLAKDTTEAFEKMVSLLSVLLSMQGAVDINKLCEEMLDNRA
TLQ
;
C
#
loop_
_chem_comp.id
_chem_comp.type
_chem_comp.name
_chem_comp.formula
ZN non-polymer 'ZINC ION' 'Zn 2'
#
# COMPACT_ATOMS: atom_id res chain seq x y z
N VAL A 22 -7.76 42.65 -1.50
CA VAL A 22 -8.17 41.30 -1.21
C VAL A 22 -7.51 40.31 -2.18
N TYR A 23 -7.28 39.09 -1.72
CA TYR A 23 -6.61 38.07 -2.51
C TYR A 23 -7.65 37.07 -3.03
N ARG A 24 -7.48 36.67 -4.29
CA ARG A 24 -8.40 35.74 -4.94
C ARG A 24 -7.65 34.99 -6.03
N ALA A 25 -8.09 33.76 -6.30
CA ALA A 25 -7.51 32.96 -7.38
C ALA A 25 -8.17 33.35 -8.70
N PHE A 26 -7.34 33.64 -9.70
CA PHE A 26 -7.81 33.98 -11.03
C PHE A 26 -7.27 32.99 -12.04
N ASP A 27 -8.07 32.67 -13.04
CA ASP A 27 -7.63 31.90 -14.21
C ASP A 27 -7.76 32.80 -15.43
N ILE A 28 -6.66 33.45 -15.81
CA ILE A 28 -6.64 34.41 -16.90
C ILE A 28 -5.72 33.92 -18.00
N TYR A 29 -6.04 34.30 -19.24
CA TYR A 29 -5.20 33.94 -20.39
C TYR A 29 -5.42 34.98 -21.47
N ASN A 30 -4.34 35.66 -21.86
CA ASN A 30 -4.33 36.53 -23.02
C ASN A 30 -2.93 36.51 -23.62
N ASP A 31 -2.63 37.51 -24.45
CA ASP A 31 -1.28 37.66 -25.00
C ASP A 31 -0.26 38.07 -23.94
N LYS A 32 -0.71 38.59 -22.80
CA LYS A 32 0.19 39.16 -21.81
C LYS A 32 0.57 38.20 -20.70
N VAL A 33 -0.38 37.37 -20.23
CA VAL A 33 -0.23 36.66 -18.96
C VAL A 33 -0.86 35.29 -19.09
N ALA A 34 -0.05 34.26 -18.90
CA ALA A 34 -0.60 32.87 -18.99
C ALA A 34 -0.44 32.10 -17.67
N GLY A 35 -1.54 31.52 -17.15
CA GLY A 35 -1.50 30.68 -15.93
C GLY A 35 -2.49 31.07 -14.84
N PHE A 36 -2.98 30.07 -14.08
CA PHE A 36 -3.90 30.26 -12.94
C PHE A 36 -3.06 30.83 -11.79
N ALA A 37 -3.40 32.02 -11.31
CA ALA A 37 -2.56 32.76 -10.37
C ALA A 37 -3.42 33.32 -9.25
N LYS A 38 -2.93 33.21 -8.03
CA LYS A 38 -3.61 33.82 -6.88
C LYS A 38 -2.90 35.12 -6.57
N PHE A 39 -3.47 36.23 -7.03
CA PHE A 39 -3.01 37.58 -6.74
C PHE A 39 -4.16 38.40 -6.16
N LEU A 40 -3.97 39.72 -6.15
CA LEU A 40 -4.96 40.67 -5.65
C LEU A 40 -5.73 41.24 -6.84
N LYS A 41 -7.05 41.21 -6.76
CA LYS A 41 -7.90 42.12 -7.54
C LYS A 41 -8.18 43.40 -6.77
N LEU A 110 -25.19 35.73 -4.64
CA LEU A 110 -23.84 35.26 -4.91
C LEU A 110 -23.11 34.91 -3.62
N THR A 111 -22.32 33.84 -3.66
CA THR A 111 -21.56 33.43 -2.49
C THR A 111 -20.40 34.39 -2.25
N LYS A 112 -19.72 34.20 -1.12
CA LYS A 112 -18.50 34.95 -0.86
C LYS A 112 -17.35 34.45 -1.73
N TYR A 113 -17.32 33.14 -2.00
CA TYR A 113 -16.23 32.51 -2.74
C TYR A 113 -16.77 31.82 -3.98
N THR A 114 -15.86 31.39 -4.84
CA THR A 114 -16.17 30.93 -6.17
C THR A 114 -15.61 29.52 -6.37
N MET A 115 -16.02 28.89 -7.48
CA MET A 115 -15.57 27.54 -7.78
C MET A 115 -14.07 27.50 -8.00
N ALA A 116 -13.52 28.52 -8.66
CA ALA A 116 -12.09 28.58 -8.87
C ALA A 116 -11.34 28.63 -7.54
N ASP A 117 -11.86 29.43 -6.60
CA ASP A 117 -11.26 29.50 -5.27
C ASP A 117 -11.31 28.14 -4.57
N LEU A 118 -12.42 27.42 -4.70
CA LEU A 118 -12.55 26.12 -4.07
C LEU A 118 -11.53 25.14 -4.65
N VAL A 119 -11.42 25.09 -5.98
CA VAL A 119 -10.47 24.19 -6.61
C VAL A 119 -9.05 24.57 -6.26
N TYR A 120 -8.77 25.87 -6.13
CA TYR A 120 -7.42 26.29 -5.76
C TYR A 120 -7.09 25.87 -4.33
N ALA A 121 -8.02 26.09 -3.40
CA ALA A 121 -7.76 25.75 -2.01
C ALA A 121 -7.64 24.25 -1.82
N LEU A 122 -8.36 23.45 -2.60
CA LEU A 122 -8.20 22.01 -2.51
C LEU A 122 -7.04 21.48 -3.35
N ARG A 123 -6.51 22.30 -4.26
CA ARG A 123 -5.44 21.89 -5.16
C ARG A 123 -4.10 22.49 -4.82
N HIS A 124 -4.07 23.56 -4.02
CA HIS A 124 -2.82 24.21 -3.63
C HIS A 124 -2.70 24.29 -2.12
N PHE A 125 -2.94 23.16 -1.45
CA PHE A 125 -3.10 23.14 0.00
C PHE A 125 -1.78 23.46 0.69
N ASP A 126 -1.85 24.24 1.76
CA ASP A 126 -0.70 24.47 2.63
C ASP A 126 -1.22 24.71 4.03
N GLU A 127 -0.90 23.80 4.95
CA GLU A 127 -1.52 23.82 6.28
C GLU A 127 -1.09 25.01 7.11
N GLY A 128 0.00 25.69 6.75
CA GLY A 128 0.34 26.92 7.43
C GLY A 128 -0.66 28.02 7.18
N ASN A 129 -1.07 28.19 5.93
CA ASN A 129 -2.00 29.25 5.52
C ASN A 129 -3.11 28.61 4.70
N CYS A 130 -4.15 28.13 5.38
CA CYS A 130 -5.27 27.47 4.74
C CYS A 130 -6.59 27.95 5.34
N ASP A 131 -6.64 29.23 5.71
CA ASP A 131 -7.85 29.78 6.32
C ASP A 131 -9.04 29.75 5.36
N THR A 132 -8.77 29.88 4.05
CA THR A 132 -9.86 29.84 3.08
C THR A 132 -10.55 28.49 3.07
N LEU A 133 -9.78 27.40 3.17
CA LEU A 133 -10.39 26.06 3.22
C LEU A 133 -11.22 25.89 4.48
N LYS A 134 -10.71 26.38 5.62
CA LYS A 134 -11.48 26.34 6.86
C LYS A 134 -12.80 27.08 6.70
N GLU A 135 -12.75 28.29 6.14
CA GLU A 135 -13.97 29.08 5.99
C GLU A 135 -14.95 28.41 5.05
N ILE A 136 -14.45 27.82 3.96
CA ILE A 136 -15.33 27.09 3.05
C ILE A 136 -16.01 25.94 3.77
N LEU A 137 -15.23 25.14 4.52
CA LEU A 137 -15.81 23.98 5.18
C LEU A 137 -16.81 24.39 6.27
N VAL A 138 -16.58 25.52 6.95
CA VAL A 138 -17.46 25.88 8.05
C VAL A 138 -18.72 26.57 7.55
N THR A 139 -18.61 27.39 6.50
CA THR A 139 -19.67 28.34 6.19
C THR A 139 -20.96 27.65 5.77
N TYR A 140 -20.88 26.40 5.32
CA TYR A 140 -22.04 25.69 4.77
C TYR A 140 -22.31 24.38 5.49
N ASN A 141 -21.94 24.29 6.77
CA ASN A 141 -22.41 23.23 7.67
C ASN A 141 -22.01 21.85 7.14
N CYS A 142 -20.74 21.71 6.75
CA CYS A 142 -20.15 20.39 6.61
C CYS A 142 -19.63 19.83 7.92
N CYS A 143 -19.02 20.66 8.75
CA CYS A 143 -18.64 20.27 10.11
C CYS A 143 -18.38 21.54 10.91
N ASP A 144 -17.77 21.38 12.08
CA ASP A 144 -17.67 22.43 13.09
C ASP A 144 -16.22 22.85 13.28
N ASP A 145 -16.03 24.11 13.68
CA ASP A 145 -14.70 24.65 13.90
C ASP A 145 -13.92 23.85 14.93
N ASP A 146 -14.59 23.30 15.93
CA ASP A 146 -13.94 22.46 16.92
C ASP A 146 -13.32 21.22 16.31
N TYR A 147 -13.87 20.70 15.21
CA TYR A 147 -13.22 19.62 14.48
C TYR A 147 -11.89 20.05 13.90
N PHE A 148 -11.78 21.29 13.42
CA PHE A 148 -10.48 21.85 13.06
C PHE A 148 -9.58 22.05 14.26
N ASN A 149 -10.15 22.41 15.42
CA ASN A 149 -9.36 22.56 16.64
C ASN A 149 -8.75 21.24 17.10
N LYS A 150 -9.34 20.11 16.71
CA LYS A 150 -8.68 18.82 16.83
C LYS A 150 -7.32 18.86 16.13
N LYS A 151 -6.37 18.09 16.65
CA LYS A 151 -5.06 17.96 16.04
C LYS A 151 -5.16 17.11 14.78
N ASP A 152 -4.50 17.56 13.71
CA ASP A 152 -4.45 16.84 12.43
C ASP A 152 -5.84 16.71 11.82
N TRP A 153 -6.55 17.83 11.76
CA TRP A 153 -7.84 17.86 11.08
C TRP A 153 -7.71 17.67 9.58
N TYR A 154 -6.56 17.99 9.00
CA TYR A 154 -6.41 18.05 7.56
C TYR A 154 -6.02 16.71 6.94
N ASP A 155 -5.50 15.78 7.74
CA ASP A 155 -4.86 14.60 7.19
C ASP A 155 -5.90 13.65 6.59
N PHE A 156 -5.43 12.74 5.74
CA PHE A 156 -6.26 11.68 5.13
C PHE A 156 -5.96 10.33 5.82
N VAL A 157 -4.68 10.10 6.14
CA VAL A 157 -4.25 8.84 6.80
C VAL A 157 -4.55 8.65 8.30
N GLU A 158 -3.93 9.46 9.15
CA GLU A 158 -4.31 9.55 10.59
C GLU A 158 -5.71 10.14 10.68
N ASN A 159 -6.62 9.48 11.40
CA ASN A 159 -8.03 9.96 11.55
C ASN A 159 -8.65 10.02 10.14
N PRO A 160 -8.91 8.88 9.47
CA PRO A 160 -9.49 8.87 8.13
C PRO A 160 -11.02 9.00 8.15
N ASP A 161 -11.52 10.13 8.64
CA ASP A 161 -12.99 10.41 8.71
C ASP A 161 -13.23 11.81 8.16
N ILE A 162 -12.27 12.34 7.41
CA ILE A 162 -12.37 13.70 6.81
C ILE A 162 -13.14 13.58 5.49
N LEU A 163 -13.26 12.36 4.96
CA LEU A 163 -13.99 12.09 3.69
C LEU A 163 -15.49 12.36 3.89
N ARG A 164 -16.00 12.11 5.10
CA ARG A 164 -17.43 12.31 5.44
C ARG A 164 -17.87 13.71 4.97
N VAL A 165 -17.11 14.75 5.35
CA VAL A 165 -17.45 16.14 4.95
C VAL A 165 -17.31 16.26 3.43
N TYR A 166 -16.07 16.22 2.92
CA TYR A 166 -15.83 16.30 1.50
C TYR A 166 -16.97 15.69 0.71
N ALA A 167 -17.60 14.63 1.24
CA ALA A 167 -18.76 14.08 0.54
C ALA A 167 -19.94 15.05 0.52
N ASN A 168 -20.13 15.82 1.59
CA ASN A 168 -21.15 16.86 1.51
C ASN A 168 -20.78 17.95 0.50
N LEU A 169 -19.49 18.24 0.38
CA LEU A 169 -19.11 19.17 -0.68
C LEU A 169 -19.22 18.54 -2.05
N GLY A 170 -19.14 17.22 -2.14
CA GLY A 170 -19.47 16.53 -3.38
C GLY A 170 -20.91 16.73 -3.79
N GLU A 171 -21.82 16.67 -2.82
CA GLU A 171 -23.22 16.99 -3.11
C GLU A 171 -23.34 18.41 -3.68
N ARG A 172 -22.65 19.36 -3.04
CA ARG A 172 -22.67 20.73 -3.57
C ARG A 172 -22.08 20.80 -4.98
N VAL A 173 -21.00 20.05 -5.22
CA VAL A 173 -20.34 20.02 -6.52
C VAL A 173 -21.29 19.51 -7.60
N ARG A 174 -22.01 18.42 -7.29
CA ARG A 174 -22.95 17.87 -8.26
C ARG A 174 -24.06 18.86 -8.57
N GLN A 175 -24.55 19.56 -7.54
CA GLN A 175 -25.57 20.57 -7.79
C GLN A 175 -25.05 21.68 -8.71
N ALA A 176 -23.82 22.13 -8.47
CA ALA A 176 -23.30 23.22 -9.27
C ALA A 176 -22.85 22.78 -10.65
N LEU A 177 -22.61 21.48 -10.85
CA LEU A 177 -22.15 20.95 -12.15
C LEU A 177 -23.35 20.66 -13.06
N LEU A 178 -24.56 20.62 -12.49
CA LEU A 178 -25.79 20.35 -13.27
C LEU A 178 -26.29 21.65 -13.89
N LYS A 179 -25.77 22.79 -13.42
CA LYS A 179 -26.18 24.12 -13.94
C LYS A 179 -25.26 24.50 -15.12
N THR A 180 -24.22 23.68 -15.35
CA THR A 180 -23.26 23.93 -16.46
C THR A 180 -23.86 23.45 -17.78
N VAL A 181 -24.87 22.58 -17.72
CA VAL A 181 -25.53 22.04 -18.94
C VAL A 181 -26.84 22.79 -19.18
N GLN A 182 -27.33 23.52 -18.17
CA GLN A 182 -28.59 24.31 -18.30
C GLN A 182 -28.25 25.73 -18.75
N PHE A 183 -26.97 26.03 -18.92
CA PHE A 183 -26.50 27.37 -19.36
C PHE A 183 -25.91 27.27 -20.76
N CYS A 184 -25.06 26.27 -20.99
CA CYS A 184 -24.41 26.07 -22.32
C CYS A 184 -25.48 25.90 -23.40
N ASP A 185 -26.40 24.96 -23.20
CA ASP A 185 -27.49 24.72 -24.18
C ASP A 185 -28.49 25.87 -24.14
N ALA A 186 -28.30 26.79 -23.19
CA ALA A 186 -29.19 27.98 -23.05
C ALA A 186 -28.55 29.16 -23.78
N MET A 187 -27.22 29.13 -23.97
CA MET A 187 -26.49 30.21 -24.67
C MET A 187 -26.15 29.75 -26.08
N ARG A 188 -26.02 28.44 -26.28
CA ARG A 188 -25.70 27.88 -27.62
C ARG A 188 -26.80 28.32 -28.60
N ASN A 189 -28.07 28.18 -28.18
CA ASN A 189 -29.23 28.59 -29.03
C ASN A 189 -29.05 30.06 -29.43
N ALA A 190 -28.75 30.92 -28.46
CA ALA A 190 -28.52 32.36 -28.74
C ALA A 190 -27.49 32.49 -29.87
N GLY A 191 -26.51 31.60 -29.90
CA GLY A 191 -25.50 31.58 -30.93
C GLY A 191 -24.27 32.40 -30.59
N ILE A 192 -23.57 32.02 -29.53
CA ILE A 192 -22.52 32.82 -28.92
C ILE A 192 -21.25 31.99 -28.88
N VAL A 193 -20.18 32.50 -29.47
CA VAL A 193 -18.86 31.87 -29.40
C VAL A 193 -18.09 32.50 -28.24
N GLY A 194 -17.46 31.67 -27.43
CA GLY A 194 -16.69 32.16 -26.31
C GLY A 194 -16.07 31.01 -25.53
N VAL A 195 -15.33 31.38 -24.50
CA VAL A 195 -14.75 30.43 -23.56
C VAL A 195 -15.43 30.60 -22.20
N LEU A 196 -15.67 29.49 -21.52
CA LEU A 196 -16.14 29.51 -20.14
C LEU A 196 -14.96 29.25 -19.20
N THR A 197 -14.74 30.16 -18.26
CA THR A 197 -13.72 30.02 -17.24
C THR A 197 -14.36 29.67 -15.90
N LEU A 198 -13.53 29.14 -15.00
CA LEU A 198 -14.04 28.78 -13.66
C LEU A 198 -14.49 30.01 -12.89
N ASP A 199 -13.76 31.11 -13.01
CA ASP A 199 -13.87 32.24 -12.10
C ASP A 199 -15.10 33.11 -12.36
N ASN A 200 -16.07 32.64 -13.13
CA ASN A 200 -17.29 33.40 -13.39
C ASN A 200 -18.51 32.77 -12.72
N GLN A 201 -18.31 31.87 -11.77
CA GLN A 201 -19.38 31.05 -11.22
C GLN A 201 -19.23 30.99 -9.71
N ASP A 202 -20.21 31.53 -8.99
CA ASP A 202 -20.24 31.37 -7.54
C ASP A 202 -20.50 29.92 -7.17
N LEU A 203 -20.39 29.63 -5.87
CA LEU A 203 -20.50 28.26 -5.39
C LEU A 203 -21.90 27.68 -5.55
N ASN A 204 -22.90 28.52 -5.81
CA ASN A 204 -24.23 28.02 -6.14
C ASN A 204 -24.31 27.52 -7.57
N GLY A 205 -23.91 28.36 -8.53
CA GLY A 205 -23.75 27.91 -9.89
C GLY A 205 -24.10 28.93 -10.95
N ASN A 206 -24.80 30.00 -10.56
CA ASN A 206 -25.12 31.06 -11.51
C ASN A 206 -23.86 31.83 -11.90
N TRP A 207 -23.99 32.65 -12.95
CA TRP A 207 -22.85 33.18 -13.66
C TRP A 207 -22.99 34.70 -13.80
N TYR A 208 -21.94 35.32 -14.32
CA TYR A 208 -21.91 36.77 -14.49
C TYR A 208 -20.90 37.09 -15.60
N ASP A 209 -20.68 38.39 -15.84
CA ASP A 209 -19.50 38.89 -16.54
C ASP A 209 -19.41 38.32 -17.96
N PHE A 210 -20.41 38.70 -18.75
CA PHE A 210 -20.52 38.23 -20.14
C PHE A 210 -19.72 39.13 -21.09
N GLY A 211 -18.44 39.32 -20.80
CA GLY A 211 -17.70 40.42 -21.36
C GLY A 211 -16.82 40.02 -22.53
N ASP A 212 -16.46 38.75 -22.60
CA ASP A 212 -15.40 38.29 -23.49
C ASP A 212 -15.94 37.61 -24.74
N PHE A 213 -17.20 37.19 -24.73
CA PHE A 213 -17.73 36.40 -25.83
C PHE A 213 -18.01 37.29 -27.04
N ILE A 214 -18.21 36.64 -28.18
CA ILE A 214 -18.57 37.33 -29.42
C ILE A 214 -19.89 36.79 -29.93
N GLN A 215 -20.70 37.67 -30.49
CA GLN A 215 -22.06 37.34 -30.89
C GLN A 215 -22.06 36.81 -32.33
N THR A 216 -22.86 35.76 -32.55
CA THR A 216 -22.97 35.15 -33.87
C THR A 216 -24.45 34.84 -34.10
N THR A 217 -24.75 34.16 -35.21
CA THR A 217 -26.12 33.86 -35.55
C THR A 217 -26.71 32.87 -34.55
N PRO A 218 -27.94 33.07 -34.07
CA PRO A 218 -28.50 32.17 -33.07
C PRO A 218 -28.74 30.78 -33.63
N GLY A 219 -28.53 29.78 -32.79
CA GLY A 219 -28.58 28.40 -33.22
C GLY A 219 -27.29 27.84 -33.79
N SER A 220 -26.18 28.57 -33.71
CA SER A 220 -24.92 28.15 -34.28
C SER A 220 -23.75 28.47 -33.36
N GLY A 221 -24.01 28.64 -32.07
CA GLY A 221 -22.95 28.97 -31.14
C GLY A 221 -22.06 27.79 -30.82
N VAL A 222 -20.94 28.10 -30.17
CA VAL A 222 -20.18 27.11 -29.41
C VAL A 222 -19.46 27.80 -28.26
N PRO A 223 -19.61 27.30 -27.02
CA PRO A 223 -18.69 27.68 -25.96
C PRO A 223 -17.47 26.77 -25.91
N VAL A 224 -16.40 27.30 -25.34
CA VAL A 224 -15.17 26.54 -25.09
C VAL A 224 -15.11 26.21 -23.60
N VAL A 225 -15.34 24.94 -23.28
CA VAL A 225 -15.44 24.51 -21.89
C VAL A 225 -14.43 23.41 -21.62
N ASP A 226 -13.29 23.47 -22.30
CA ASP A 226 -12.24 22.48 -22.06
C ASP A 226 -11.53 22.76 -20.74
N SER A 227 -11.03 24.00 -20.56
CA SER A 227 -10.31 24.34 -19.35
C SER A 227 -11.19 24.20 -18.12
N TYR A 228 -12.49 24.51 -18.26
CA TYR A 228 -13.42 24.41 -17.13
C TYR A 228 -13.41 23.02 -16.54
N TYR A 229 -13.80 22.02 -17.33
CA TYR A 229 -13.84 20.65 -16.82
C TYR A 229 -12.43 20.13 -16.52
N SER A 230 -11.43 20.57 -17.28
CA SER A 230 -10.06 20.12 -17.03
C SER A 230 -9.63 20.48 -15.62
N LEU A 231 -9.93 21.71 -15.18
CA LEU A 231 -9.55 22.12 -13.84
C LEU A 231 -10.54 21.67 -12.77
N LEU A 232 -11.79 21.38 -13.15
CA LEU A 232 -12.76 20.91 -12.16
C LEU A 232 -12.66 19.42 -11.89
N MET A 233 -11.98 18.66 -12.75
CA MET A 233 -11.88 17.21 -12.58
C MET A 233 -11.44 16.76 -11.19
N PRO A 234 -10.37 17.30 -10.58
CA PRO A 234 -9.81 16.65 -9.39
C PRO A 234 -10.78 16.54 -8.22
N ILE A 235 -11.76 17.43 -8.11
CA ILE A 235 -12.69 17.41 -7.00
C ILE A 235 -14.02 16.74 -7.35
N LEU A 236 -14.04 15.89 -8.37
CA LEU A 236 -15.25 15.18 -8.74
C LEU A 236 -15.19 13.71 -8.35
N THR A 237 -14.03 13.23 -7.91
CA THR A 237 -13.98 12.00 -7.12
C THR A 237 -13.41 12.19 -5.72
N LEU A 238 -12.73 13.31 -5.44
CA LEU A 238 -12.29 13.60 -4.05
C LEU A 238 -13.54 13.86 -3.21
N THR A 239 -14.62 14.36 -3.84
CA THR A 239 -15.91 14.63 -3.14
C THR A 239 -17.01 13.69 -3.65
N ARG A 240 -16.74 13.02 -4.79
CA ARG A 240 -17.60 11.97 -5.42
C ARG A 240 -18.94 12.46 -5.99
N ALA A 241 -19.76 13.21 -5.23
CA ALA A 241 -21.08 13.62 -5.68
C ALA A 241 -22.02 12.46 -6.02
N LEU A 242 -21.47 11.27 -6.28
CA LEU A 242 -22.24 10.18 -6.85
C LEU A 242 -22.97 9.33 -5.81
N THR A 243 -22.39 9.19 -4.61
CA THR A 243 -23.15 8.59 -3.52
C THR A 243 -24.39 9.42 -3.21
N ALA A 244 -24.30 10.73 -3.35
CA ALA A 244 -25.47 11.60 -3.32
C ALA A 244 -26.39 11.41 -4.53
N GLU A 245 -25.84 11.17 -5.72
CA GLU A 245 -26.66 10.99 -6.91
C GLU A 245 -27.48 9.70 -6.89
N SER A 246 -26.91 8.58 -6.44
CA SER A 246 -27.55 7.28 -6.60
C SER A 246 -28.78 7.09 -5.71
N HIS A 247 -29.87 7.78 -5.99
CA HIS A 247 -31.13 7.58 -5.30
C HIS A 247 -32.28 7.46 -6.31
N VAL A 248 -33.44 7.02 -5.80
CA VAL A 248 -34.47 6.45 -6.67
C VAL A 248 -35.00 7.49 -7.66
N ASP A 249 -34.96 8.77 -7.29
CA ASP A 249 -35.09 9.85 -8.27
C ASP A 249 -34.04 10.93 -8.04
N THR A 250 -32.86 10.53 -7.55
CA THR A 250 -31.77 11.46 -7.25
C THR A 250 -32.21 12.54 -6.28
N ASP A 251 -32.94 12.16 -5.25
CA ASP A 251 -33.19 13.01 -4.08
C ASP A 251 -32.58 12.37 -2.86
N LEU A 252 -31.86 13.16 -2.06
CA LEU A 252 -31.17 12.66 -0.89
C LEU A 252 -32.11 12.21 0.22
N THR A 253 -33.41 12.45 0.10
CA THR A 253 -34.38 12.12 1.13
C THR A 253 -35.17 10.86 0.74
N LYS A 254 -34.53 9.95 0.02
CA LYS A 254 -35.20 8.86 -0.65
C LYS A 254 -34.35 7.60 -0.53
N PRO A 255 -34.97 6.43 -0.53
CA PRO A 255 -34.22 5.20 -0.26
C PRO A 255 -33.25 4.88 -1.39
N TYR A 256 -32.42 3.87 -1.14
CA TYR A 256 -31.49 3.41 -2.16
C TYR A 256 -32.20 2.54 -3.18
N ILE A 257 -31.68 2.56 -4.41
CA ILE A 257 -32.29 1.83 -5.51
C ILE A 257 -31.93 0.35 -5.38
N LYS A 258 -32.96 -0.50 -5.39
CA LYS A 258 -32.78 -1.92 -5.70
C LYS A 258 -32.54 -2.05 -7.20
N TRP A 259 -31.28 -1.91 -7.59
CA TRP A 259 -30.86 -2.28 -8.93
C TRP A 259 -31.04 -3.78 -9.14
N ASP A 260 -31.23 -4.18 -10.40
CA ASP A 260 -31.21 -5.58 -10.76
C ASP A 260 -29.83 -6.17 -10.44
N LEU A 261 -29.83 -7.33 -9.79
CA LEU A 261 -28.58 -7.99 -9.44
C LEU A 261 -27.96 -8.74 -10.61
N LEU A 262 -28.73 -9.00 -11.67
CA LEU A 262 -28.25 -9.77 -12.81
C LEU A 262 -27.82 -8.90 -13.97
N LYS A 263 -28.06 -7.60 -13.92
CA LYS A 263 -27.66 -6.69 -14.98
C LYS A 263 -26.24 -6.20 -14.73
N TYR A 264 -25.42 -6.19 -15.78
CA TYR A 264 -24.00 -5.96 -15.61
C TYR A 264 -23.40 -4.88 -16.50
N ASP A 265 -24.06 -4.48 -17.59
CA ASP A 265 -23.39 -3.69 -18.60
C ASP A 265 -23.48 -2.20 -18.31
N PHE A 266 -24.69 -1.70 -18.05
CA PHE A 266 -24.93 -0.31 -17.63
C PHE A 266 -24.43 0.70 -18.67
N THR A 267 -24.22 0.25 -19.90
CA THR A 267 -23.71 1.14 -20.94
C THR A 267 -24.68 2.28 -21.25
N GLU A 268 -25.97 1.96 -21.37
CA GLU A 268 -26.97 3.01 -21.61
C GLU A 268 -27.03 3.98 -20.44
N GLU A 269 -26.92 3.48 -19.22
CA GLU A 269 -26.90 4.36 -18.05
C GLU A 269 -25.64 5.23 -18.04
N ARG A 270 -24.50 4.66 -18.43
CA ARG A 270 -23.28 5.45 -18.54
C ARG A 270 -23.45 6.58 -19.56
N LEU A 271 -24.02 6.26 -20.73
CA LEU A 271 -24.23 7.29 -21.75
C LEU A 271 -25.22 8.35 -21.28
N LYS A 272 -26.25 7.94 -20.53
CA LYS A 272 -27.20 8.91 -20.00
C LYS A 272 -26.54 9.83 -18.99
N LEU A 273 -25.73 9.26 -18.08
CA LEU A 273 -24.96 10.09 -17.16
C LEU A 273 -24.08 11.07 -17.91
N PHE A 274 -23.42 10.59 -18.97
CA PHE A 274 -22.53 11.46 -19.74
C PHE A 274 -23.30 12.61 -20.37
N ASP A 275 -24.38 12.29 -21.08
CA ASP A 275 -25.17 13.31 -21.75
C ASP A 275 -25.94 14.21 -20.78
N ARG A 276 -26.05 13.82 -19.52
CA ARG A 276 -26.57 14.75 -18.52
C ARG A 276 -25.50 15.65 -17.93
N TYR A 277 -24.29 15.13 -17.70
CA TYR A 277 -23.26 15.86 -16.99
C TYR A 277 -22.19 16.44 -17.91
N PHE A 278 -21.88 15.78 -19.02
CA PHE A 278 -20.75 16.18 -19.85
C PHE A 278 -21.17 16.28 -21.31
N LYS A 279 -22.30 16.94 -21.57
CA LYS A 279 -22.90 16.90 -22.89
C LYS A 279 -22.05 17.65 -23.90
N TYR A 280 -21.39 18.72 -23.48
CA TYR A 280 -20.71 19.64 -24.38
C TYR A 280 -19.20 19.44 -24.42
N TRP A 281 -18.72 18.33 -23.87
CA TRP A 281 -17.31 17.99 -23.96
C TRP A 281 -16.98 17.59 -25.39
N ASP A 282 -16.34 18.51 -26.13
CA ASP A 282 -16.23 18.40 -27.59
C ASP A 282 -15.11 17.42 -27.96
N GLN A 283 -15.25 16.19 -27.45
CA GLN A 283 -14.46 15.06 -27.91
C GLN A 283 -15.27 13.80 -27.68
N THR A 284 -15.09 12.82 -28.56
CA THR A 284 -15.88 11.60 -28.47
C THR A 284 -15.50 10.80 -27.22
N TYR A 285 -16.51 10.44 -26.43
CA TYR A 285 -16.35 9.57 -25.29
C TYR A 285 -16.96 8.21 -25.58
N HIS A 286 -16.22 7.15 -25.30
CA HIS A 286 -16.64 5.79 -25.60
C HIS A 286 -16.97 5.07 -24.29
N PRO A 287 -18.18 4.53 -24.14
CA PRO A 287 -18.53 3.89 -22.86
C PRO A 287 -17.66 2.69 -22.54
N ASN A 288 -17.33 1.87 -23.53
CA ASN A 288 -16.24 0.91 -23.42
C ASN A 288 -14.99 1.53 -24.02
N CYS A 289 -13.83 1.17 -23.47
CA CYS A 289 -12.57 1.72 -23.97
C CYS A 289 -12.02 0.93 -25.14
N VAL A 290 -12.72 -0.09 -25.62
CA VAL A 290 -12.28 -0.80 -26.82
C VAL A 290 -12.42 0.10 -28.05
N ASN A 291 -13.33 1.07 -28.00
CA ASN A 291 -13.71 1.84 -29.17
C ASN A 291 -12.94 3.15 -29.31
N CYS A 292 -11.83 3.30 -28.58
CA CYS A 292 -11.06 4.53 -28.65
C CYS A 292 -9.92 4.40 -29.66
N LEU A 293 -9.32 5.54 -29.99
CA LEU A 293 -8.52 5.69 -31.19
C LEU A 293 -7.02 5.68 -30.91
N ASP A 294 -6.56 6.38 -29.89
CA ASP A 294 -5.16 6.35 -29.50
C ASP A 294 -5.09 6.41 -27.98
N ASP A 295 -3.89 6.12 -27.45
CA ASP A 295 -3.71 5.97 -26.01
C ASP A 295 -4.14 7.21 -25.24
N ARG A 296 -4.02 8.41 -25.83
CA ARG A 296 -4.52 9.60 -25.18
C ARG A 296 -6.05 9.54 -25.03
N CYS A 297 -6.74 9.07 -26.07
CA CYS A 297 -8.17 8.84 -25.95
C CYS A 297 -8.46 7.74 -24.93
N ILE A 298 -7.58 6.75 -24.83
CA ILE A 298 -7.75 5.70 -23.82
C ILE A 298 -7.70 6.31 -22.42
N LEU A 299 -6.74 7.20 -22.17
CA LEU A 299 -6.66 7.86 -20.88
C LEU A 299 -7.90 8.69 -20.61
N HIS A 300 -8.35 9.45 -21.60
CA HIS A 300 -9.52 10.30 -21.43
C HIS A 300 -10.76 9.47 -21.10
N CYS A 301 -10.92 8.35 -21.79
CA CYS A 301 -12.11 7.53 -21.58
C CYS A 301 -12.03 6.73 -20.29
N ALA A 302 -10.82 6.31 -19.89
CA ALA A 302 -10.69 5.63 -18.60
C ALA A 302 -10.96 6.58 -17.45
N ASN A 303 -10.54 7.84 -17.55
CA ASN A 303 -10.87 8.82 -16.53
C ASN A 303 -12.38 9.02 -16.42
N PHE A 304 -13.06 9.10 -17.57
CA PHE A 304 -14.50 9.29 -17.49
C PHE A 304 -15.21 8.02 -17.02
N ASN A 305 -14.67 6.86 -17.39
CA ASN A 305 -15.26 5.60 -16.94
C ASN A 305 -15.15 5.45 -15.43
N VAL A 306 -14.02 5.84 -14.85
CA VAL A 306 -13.88 5.75 -13.40
C VAL A 306 -14.87 6.69 -12.71
N LEU A 307 -14.99 7.92 -13.22
CA LEU A 307 -15.93 8.83 -12.59
C LEU A 307 -17.36 8.32 -12.71
N PHE A 308 -17.70 7.68 -13.83
CA PHE A 308 -19.06 7.18 -13.99
C PHE A 308 -19.30 5.88 -13.25
N SER A 309 -18.25 5.11 -12.98
CA SER A 309 -18.37 3.83 -12.31
C SER A 309 -18.23 3.94 -10.81
N THR A 310 -18.06 5.14 -10.26
CA THR A 310 -18.12 5.26 -8.81
C THR A 310 -19.55 5.39 -8.28
N VAL A 311 -20.56 5.00 -9.03
CA VAL A 311 -21.96 5.17 -8.63
C VAL A 311 -22.78 3.90 -8.83
N PHE A 312 -22.15 2.78 -9.14
CA PHE A 312 -22.86 1.57 -9.49
C PHE A 312 -22.75 0.53 -8.37
N PRO A 313 -23.63 -0.46 -8.35
CA PRO A 313 -23.55 -1.49 -7.31
C PRO A 313 -22.22 -2.22 -7.34
N PRO A 314 -21.48 -2.21 -6.22
CA PRO A 314 -20.14 -2.82 -6.22
C PRO A 314 -20.13 -4.32 -6.39
N THR A 315 -21.29 -4.97 -6.37
CA THR A 315 -21.37 -6.41 -6.63
C THR A 315 -21.33 -6.75 -8.11
N SER A 316 -21.07 -5.77 -8.97
CA SER A 316 -21.19 -5.93 -10.40
C SER A 316 -19.84 -5.98 -11.11
N PHE A 317 -18.87 -5.18 -10.67
CA PHE A 317 -17.55 -5.15 -11.26
C PHE A 317 -16.76 -6.38 -10.81
N GLY A 318 -16.05 -7.00 -11.74
CA GLY A 318 -15.50 -8.31 -11.53
C GLY A 318 -15.66 -9.17 -12.76
N PRO A 319 -15.14 -10.40 -12.72
CA PRO A 319 -15.27 -11.29 -13.87
C PRO A 319 -16.73 -11.54 -14.20
N LEU A 320 -17.02 -11.62 -15.50
CA LEU A 320 -18.32 -12.05 -16.00
C LEU A 320 -18.20 -13.52 -16.39
N VAL A 321 -19.11 -14.34 -15.89
CA VAL A 321 -19.06 -15.77 -16.12
C VAL A 321 -20.29 -16.21 -16.92
N ARG A 322 -20.15 -17.34 -17.61
CA ARG A 322 -21.24 -18.03 -18.27
C ARG A 322 -21.09 -19.52 -17.98
N LYS A 323 -22.02 -20.32 -18.46
CA LYS A 323 -22.00 -21.76 -18.26
C LYS A 323 -21.47 -22.43 -19.52
N ILE A 324 -20.31 -23.07 -19.41
CA ILE A 324 -19.67 -23.73 -20.53
C ILE A 324 -19.66 -25.23 -20.26
N PHE A 325 -19.65 -26.00 -21.34
CA PHE A 325 -19.68 -27.46 -21.27
C PHE A 325 -18.40 -28.02 -21.88
N VAL A 326 -17.79 -28.97 -21.18
CA VAL A 326 -16.71 -29.78 -21.74
C VAL A 326 -17.05 -31.25 -21.51
N ASP A 327 -17.02 -32.04 -22.58
CA ASP A 327 -17.34 -33.47 -22.54
C ASP A 327 -18.60 -33.75 -21.73
N GLY A 328 -19.58 -32.86 -21.84
CA GLY A 328 -20.90 -33.12 -21.28
C GLY A 328 -21.13 -32.43 -19.95
N VAL A 329 -20.09 -32.34 -19.12
CA VAL A 329 -20.22 -31.75 -17.79
C VAL A 329 -20.11 -30.23 -17.90
N PRO A 330 -20.98 -29.47 -17.24
CA PRO A 330 -20.93 -28.01 -17.34
C PRO A 330 -19.85 -27.41 -16.44
N PHE A 331 -19.39 -26.23 -16.84
CA PHE A 331 -18.46 -25.43 -16.07
C PHE A 331 -19.10 -24.07 -15.78
N VAL A 332 -18.43 -23.30 -14.94
CA VAL A 332 -18.73 -21.88 -14.75
C VAL A 332 -17.39 -21.15 -14.85
N VAL A 333 -17.08 -20.63 -16.04
CA VAL A 333 -15.82 -19.94 -16.28
C VAL A 333 -16.11 -18.53 -16.77
N SER A 334 -15.08 -17.69 -16.70
CA SER A 334 -15.24 -16.27 -17.05
C SER A 334 -15.14 -16.10 -18.55
N THR A 335 -16.03 -15.29 -19.11
CA THR A 335 -16.03 -14.94 -20.53
C THR A 335 -16.05 -13.42 -20.71
N GLY A 336 -15.41 -12.71 -19.80
CA GLY A 336 -15.32 -11.27 -19.90
C GLY A 336 -14.94 -10.67 -18.57
N TYR A 337 -15.00 -9.34 -18.52
CA TYR A 337 -14.69 -8.62 -17.29
C TYR A 337 -15.27 -7.22 -17.42
N HIS A 338 -15.50 -6.58 -16.27
CA HIS A 338 -16.15 -5.28 -16.20
C HIS A 338 -15.33 -4.42 -15.24
N PHE A 339 -14.42 -3.62 -15.79
CA PHE A 339 -13.59 -2.73 -14.99
C PHE A 339 -14.42 -1.57 -14.49
N ARG A 340 -13.85 -0.83 -13.52
CA ARG A 340 -14.22 0.57 -13.35
C ARG A 340 -13.54 1.47 -14.35
N GLU A 341 -12.43 1.03 -14.95
CA GLU A 341 -11.59 1.90 -15.76
C GLU A 341 -11.87 1.79 -17.24
N LEU A 342 -12.10 0.59 -17.76
CA LEU A 342 -12.22 0.36 -19.18
C LEU A 342 -13.57 -0.23 -19.58
N GLY A 343 -14.60 -0.02 -18.76
CA GLY A 343 -15.93 -0.55 -19.05
C GLY A 343 -15.90 -2.06 -19.23
N VAL A 344 -16.84 -2.55 -20.02
CA VAL A 344 -17.03 -3.99 -20.21
C VAL A 344 -16.14 -4.45 -21.36
N VAL A 345 -15.42 -5.54 -21.13
CA VAL A 345 -14.55 -6.14 -22.13
C VAL A 345 -14.96 -7.59 -22.29
N HIS A 346 -15.07 -8.04 -23.53
CA HIS A 346 -15.48 -9.41 -23.83
C HIS A 346 -14.31 -10.14 -24.46
N ASN A 347 -14.01 -11.34 -23.93
CA ASN A 347 -13.19 -12.29 -24.65
C ASN A 347 -13.69 -12.48 -26.07
N GLN A 348 -12.75 -12.69 -26.99
CA GLN A 348 -13.09 -12.98 -28.37
C GLN A 348 -12.81 -14.41 -28.79
N ASP A 349 -11.97 -15.12 -28.04
CA ASP A 349 -11.73 -16.55 -28.24
C ASP A 349 -12.35 -17.29 -27.06
N VAL A 350 -13.64 -17.60 -27.18
CA VAL A 350 -14.37 -18.38 -26.17
C VAL A 350 -14.92 -19.63 -26.84
N ASN A 351 -14.73 -20.77 -26.18
CA ASN A 351 -15.01 -22.08 -26.75
C ASN A 351 -16.22 -22.66 -26.02
N LEU A 352 -17.41 -22.36 -26.52
CA LEU A 352 -18.61 -23.05 -26.07
C LEU A 352 -18.67 -24.45 -26.63
N HIS A 353 -19.10 -25.40 -25.79
CA HIS A 353 -19.29 -26.79 -26.19
C HIS A 353 -17.99 -27.39 -26.73
N SER A 354 -16.95 -27.27 -25.92
CA SER A 354 -15.67 -27.90 -26.23
C SER A 354 -15.73 -29.39 -25.90
N SER A 355 -14.58 -30.06 -26.03
CA SER A 355 -14.47 -31.47 -25.67
C SER A 355 -13.30 -31.80 -24.77
N ARG A 356 -12.26 -30.96 -24.72
CA ARG A 356 -11.05 -31.30 -24.00
C ARG A 356 -10.27 -30.01 -23.73
N LEU A 357 -9.47 -30.04 -22.67
CA LEU A 357 -8.68 -28.89 -22.27
C LEU A 357 -7.21 -29.29 -22.20
N SER A 358 -6.38 -28.62 -22.98
CA SER A 358 -4.94 -28.86 -22.96
C SER A 358 -4.31 -28.12 -21.77
N PHE A 359 -2.98 -28.02 -21.78
CA PHE A 359 -2.26 -27.44 -20.64
C PHE A 359 -2.62 -25.98 -20.44
N LYS A 360 -2.62 -25.18 -21.52
CA LYS A 360 -2.90 -23.76 -21.39
C LYS A 360 -4.32 -23.52 -20.88
N GLU A 361 -5.27 -24.34 -21.33
CA GLU A 361 -6.65 -24.17 -20.87
C GLU A 361 -6.77 -24.51 -19.39
N LEU A 362 -6.10 -25.56 -18.93
CA LEU A 362 -6.09 -25.87 -17.51
C LEU A 362 -5.46 -24.74 -16.71
N LEU A 363 -4.35 -24.19 -17.21
CA LEU A 363 -3.70 -23.08 -16.52
C LEU A 363 -4.66 -21.90 -16.36
N VAL A 364 -5.29 -21.49 -17.47
CA VAL A 364 -6.16 -20.32 -17.41
C VAL A 364 -7.37 -20.59 -16.53
N TYR A 365 -7.93 -21.80 -16.59
CA TYR A 365 -9.15 -22.08 -15.84
C TYR A 365 -8.87 -22.27 -14.35
N ALA A 366 -7.67 -22.72 -13.98
CA ALA A 366 -7.28 -22.73 -12.58
C ALA A 366 -6.99 -21.32 -12.09
N ALA A 367 -6.42 -20.48 -12.95
CA ALA A 367 -6.21 -19.08 -12.58
C ALA A 367 -7.52 -18.33 -12.42
N ASP A 368 -8.60 -18.80 -13.05
CA ASP A 368 -9.89 -18.12 -12.93
C ASP A 368 -10.36 -18.12 -11.48
N PRO A 369 -10.86 -17.00 -10.97
CA PRO A 369 -11.50 -17.01 -9.65
C PRO A 369 -12.90 -17.59 -9.63
N ALA A 370 -13.44 -17.98 -10.80
CA ALA A 370 -14.82 -18.44 -10.87
C ALA A 370 -15.00 -19.80 -10.19
N MET A 371 -14.14 -20.76 -10.53
CA MET A 371 -14.25 -22.08 -9.93
C MET A 371 -14.10 -22.02 -8.42
N HIS A 372 -13.31 -21.06 -7.92
CA HIS A 372 -13.05 -20.97 -6.49
C HIS A 372 -14.15 -20.22 -5.76
N ALA A 373 -14.70 -19.17 -6.37
CA ALA A 373 -15.79 -18.44 -5.76
C ALA A 373 -17.13 -19.16 -5.89
N ALA A 374 -17.22 -20.16 -6.77
CA ALA A 374 -18.45 -20.93 -6.90
C ALA A 374 -18.49 -22.16 -6.01
N SER A 375 -17.33 -22.75 -5.70
CA SER A 375 -17.26 -24.00 -4.96
C SER A 375 -17.20 -23.79 -3.46
N GLY A 376 -17.57 -22.59 -2.99
CA GLY A 376 -17.24 -22.15 -1.65
C GLY A 376 -18.39 -21.44 -0.97
N ASN A 377 -18.20 -21.19 0.33
CA ASN A 377 -19.24 -20.64 1.17
C ASN A 377 -19.26 -19.11 1.10
N LEU A 378 -20.45 -18.54 1.22
CA LEU A 378 -20.57 -17.10 1.35
C LEU A 378 -20.08 -16.67 2.73
N LEU A 379 -19.37 -15.55 2.78
CA LEU A 379 -18.73 -15.08 4.01
C LEU A 379 -19.08 -13.62 4.26
N LEU A 380 -19.24 -13.26 5.53
CA LEU A 380 -19.41 -11.87 5.96
C LEU A 380 -18.42 -11.58 7.08
N ASP A 381 -17.24 -11.08 6.71
CA ASP A 381 -16.20 -10.75 7.68
C ASP A 381 -16.44 -9.34 8.18
N LYS A 382 -16.72 -9.21 9.47
CA LYS A 382 -17.08 -7.93 10.06
C LYS A 382 -15.88 -7.10 10.50
N ARG A 383 -14.66 -7.54 10.20
CA ARG A 383 -13.48 -6.79 10.61
C ARG A 383 -13.21 -5.61 9.67
N THR A 384 -13.41 -5.79 8.37
CA THR A 384 -12.93 -4.86 7.37
C THR A 384 -14.13 -4.28 6.62
N THR A 385 -13.88 -3.20 5.88
CA THR A 385 -14.94 -2.45 5.22
C THR A 385 -15.04 -2.75 3.74
N CYS A 386 -14.15 -3.57 3.20
CA CYS A 386 -14.21 -3.95 1.80
C CYS A 386 -15.31 -4.99 1.57
N PHE A 387 -15.63 -5.22 0.30
CA PHE A 387 -16.44 -6.36 -0.09
C PHE A 387 -15.64 -7.64 0.13
N SER A 388 -16.33 -8.77 0.22
CA SER A 388 -15.71 -10.03 0.57
C SER A 388 -16.57 -11.22 0.16
N VAL A 389 -16.08 -12.00 -0.79
CA VAL A 389 -16.63 -13.32 -1.05
C VAL A 389 -15.57 -14.37 -0.73
N ALA A 390 -15.68 -14.98 0.45
CA ALA A 390 -14.58 -15.74 1.02
C ALA A 390 -15.04 -17.17 1.26
N ALA A 391 -14.33 -18.11 0.63
CA ALA A 391 -14.64 -19.55 0.76
C ALA A 391 -13.33 -20.33 0.93
N LEU A 392 -13.29 -21.54 0.36
CA LEU A 392 -12.14 -22.51 0.31
C LEU A 392 -11.86 -23.22 1.64
N THR A 393 -12.58 -22.90 2.72
CA THR A 393 -12.32 -23.53 4.03
C THR A 393 -13.50 -23.30 4.99
N ASN A 394 -13.60 -24.17 5.99
CA ASN A 394 -14.64 -24.08 7.02
C ASN A 394 -14.20 -23.27 8.23
N ASN A 395 -13.01 -22.70 8.22
CA ASN A 395 -12.54 -21.91 9.34
C ASN A 395 -11.40 -21.00 8.90
N VAL A 396 -11.33 -19.82 9.50
CA VAL A 396 -10.26 -18.87 9.19
C VAL A 396 -8.95 -19.37 9.78
N ALA A 397 -7.85 -19.04 9.09
CA ALA A 397 -6.51 -19.35 9.58
C ALA A 397 -5.91 -18.15 10.29
N PHE A 398 -5.19 -18.41 11.38
CA PHE A 398 -4.55 -17.37 12.18
C PHE A 398 -3.05 -17.62 12.19
N GLN A 399 -2.29 -16.72 11.57
CA GLN A 399 -0.85 -16.86 11.44
C GLN A 399 -0.15 -15.78 12.24
N THR A 400 0.94 -16.17 12.92
CA THR A 400 1.69 -15.28 13.78
C THR A 400 3.14 -15.21 13.31
N VAL A 401 3.80 -14.11 13.64
CA VAL A 401 5.19 -13.88 13.26
C VAL A 401 6.08 -14.13 14.46
N LYS A 402 7.13 -14.93 14.26
CA LYS A 402 7.99 -15.38 15.33
C LYS A 402 8.98 -14.30 15.72
N PRO A 403 9.50 -14.33 16.94
CA PRO A 403 10.54 -13.37 17.33
C PRO A 403 11.88 -13.74 16.71
N GLY A 404 12.82 -12.79 16.80
CA GLY A 404 14.13 -12.98 16.24
C GLY A 404 14.98 -13.95 17.05
N ASN A 405 16.14 -14.28 16.50
CA ASN A 405 17.14 -15.06 17.20
C ASN A 405 18.30 -14.12 17.56
N PHE A 406 18.48 -13.90 18.86
CA PHE A 406 19.58 -13.07 19.33
C PHE A 406 20.88 -13.87 19.34
N ASN A 407 21.96 -13.24 18.87
CA ASN A 407 23.28 -13.85 18.85
C ASN A 407 24.05 -13.34 20.05
N LYS A 408 24.57 -14.27 20.86
CA LYS A 408 25.23 -13.87 22.11
C LYS A 408 26.71 -13.61 21.92
N ASP A 409 27.36 -14.31 21.00
CA ASP A 409 28.81 -14.21 20.87
C ASP A 409 29.23 -12.82 20.42
N PHE A 410 28.59 -12.30 19.37
CA PHE A 410 28.97 -10.99 18.87
C PHE A 410 28.64 -9.89 19.87
N TYR A 411 27.52 -10.02 20.57
CA TYR A 411 27.18 -9.02 21.57
C TYR A 411 28.16 -9.04 22.74
N ASP A 412 28.58 -10.23 23.16
CA ASP A 412 29.61 -10.34 24.20
C ASP A 412 30.91 -9.70 23.73
N PHE A 413 31.31 -9.96 22.48
CA PHE A 413 32.51 -9.33 21.94
C PHE A 413 32.38 -7.82 21.93
N ALA A 414 31.22 -7.31 21.53
CA ALA A 414 31.03 -5.87 21.45
C ALA A 414 31.07 -5.22 22.82
N VAL A 415 30.49 -5.86 23.83
CA VAL A 415 30.53 -5.28 25.17
C VAL A 415 31.92 -5.41 25.78
N SER A 416 32.69 -6.43 25.38
CA SER A 416 34.08 -6.49 25.78
C SER A 416 34.91 -5.41 25.10
N LYS A 417 34.49 -4.97 23.91
CA LYS A 417 35.18 -3.87 23.25
C LYS A 417 34.74 -2.51 23.78
N GLY A 418 34.00 -2.46 24.88
CA GLY A 418 33.67 -1.21 25.52
C GLY A 418 32.59 -0.41 24.81
N PHE A 419 31.70 -1.09 24.10
CA PHE A 419 30.59 -0.43 23.44
C PHE A 419 29.33 -0.45 24.30
N PHE A 420 28.34 0.35 23.89
CA PHE A 420 27.08 0.51 24.61
C PHE A 420 27.29 0.95 26.05
N LYS A 421 28.38 1.69 26.30
CA LYS A 421 28.57 2.33 27.59
C LYS A 421 27.66 3.56 27.71
N GLU A 422 27.45 3.97 28.96
CA GLU A 422 26.39 4.93 29.25
C GLU A 422 26.75 6.31 28.72
N GLY A 423 25.81 6.93 28.01
CA GLY A 423 26.04 8.25 27.45
C GLY A 423 26.74 8.20 26.10
N SER A 424 26.26 7.33 25.22
CA SER A 424 26.88 7.12 23.92
C SER A 424 25.87 7.41 22.83
N SER A 425 26.39 7.72 21.64
CA SER A 425 25.54 7.93 20.47
C SER A 425 25.37 6.67 19.63
N VAL A 426 26.09 5.60 19.93
CA VAL A 426 26.05 4.36 19.16
C VAL A 426 25.46 3.28 20.05
N GLU A 427 24.24 2.85 19.74
CA GLU A 427 23.52 1.88 20.54
C GLU A 427 22.66 1.01 19.61
N LEU A 428 21.95 0.05 20.21
CA LEU A 428 21.09 -0.84 19.46
C LEU A 428 19.68 -0.27 19.38
N LYS A 429 19.14 -0.18 18.17
CA LYS A 429 17.79 0.35 17.98
C LYS A 429 16.98 -0.39 16.91
N HIS A 430 17.49 -1.46 16.32
CA HIS A 430 16.82 -2.16 15.24
C HIS A 430 16.60 -3.62 15.64
N PHE A 431 15.36 -4.08 15.53
CA PHE A 431 14.90 -5.26 16.26
C PHE A 431 14.00 -6.10 15.37
N PHE A 432 13.64 -7.29 15.85
CA PHE A 432 12.64 -8.15 15.23
C PHE A 432 11.36 -8.11 16.06
N PHE A 433 10.27 -7.66 15.45
CA PHE A 433 8.99 -7.50 16.14
C PHE A 433 8.06 -8.64 15.77
N ALA A 434 7.39 -9.22 16.77
CA ALA A 434 6.44 -10.29 16.53
C ALA A 434 5.03 -9.76 16.31
N GLN A 435 4.21 -10.54 15.60
CA GLN A 435 2.89 -10.11 15.16
C GLN A 435 1.91 -11.28 15.19
N ASP A 436 0.61 -10.95 15.09
CA ASP A 436 -0.46 -11.80 15.56
C ASP A 436 -1.29 -12.34 14.40
N GLY A 437 -1.52 -11.51 13.37
CA GLY A 437 -2.47 -11.84 12.32
C GLY A 437 -3.54 -10.77 12.23
N ASN A 438 -3.92 -10.26 13.40
CA ASN A 438 -4.70 -9.04 13.49
C ASN A 438 -3.87 -7.94 12.83
N ALA A 439 -2.55 -8.12 12.83
CA ALA A 439 -1.65 -7.32 12.02
C ALA A 439 -1.93 -7.46 10.53
N ALA A 440 -2.25 -8.68 10.06
CA ALA A 440 -2.61 -8.85 8.66
C ALA A 440 -3.93 -8.15 8.35
N ILE A 441 -4.87 -8.19 9.30
CA ILE A 441 -6.14 -7.49 9.07
C ILE A 441 -5.94 -5.98 9.07
N SER A 442 -5.06 -5.48 9.93
CA SER A 442 -4.74 -4.06 9.89
C SER A 442 -4.01 -3.68 8.60
N ASP A 443 -3.19 -4.57 8.06
CA ASP A 443 -2.57 -4.34 6.75
C ASP A 443 -3.61 -4.26 5.65
N TYR A 444 -4.62 -5.11 5.71
CA TYR A 444 -5.71 -4.98 4.73
C TYR A 444 -6.49 -3.70 4.92
N ASP A 445 -6.64 -3.24 6.16
CA ASP A 445 -7.21 -1.91 6.39
C ASP A 445 -6.31 -0.82 5.80
N TYR A 446 -5.01 -1.00 5.84
CA TYR A 446 -4.10 -0.08 5.17
C TYR A 446 -4.32 -0.09 3.67
N TYR A 447 -4.64 -1.24 3.10
CA TYR A 447 -5.16 -1.27 1.73
C TYR A 447 -6.48 -0.51 1.60
N ARG A 448 -7.31 -0.54 2.64
CA ARG A 448 -8.52 0.30 2.67
C ARG A 448 -8.17 1.78 2.57
N TYR A 449 -6.99 2.19 3.03
CA TYR A 449 -6.62 3.59 2.88
C TYR A 449 -6.38 4.00 1.43
N ASN A 450 -7.42 4.01 0.60
CA ASN A 450 -7.27 4.09 -0.85
C ASN A 450 -8.60 4.48 -1.46
N LEU A 451 -8.61 5.55 -2.24
CA LEU A 451 -9.83 6.15 -2.77
C LEU A 451 -9.90 6.01 -4.29
N PRO A 452 -11.08 6.19 -4.88
CA PRO A 452 -11.15 6.49 -6.31
C PRO A 452 -10.78 7.95 -6.59
N THR A 453 -9.88 8.14 -7.54
CA THR A 453 -9.41 9.47 -7.92
C THR A 453 -9.71 9.70 -9.38
N MET A 454 -10.31 10.85 -9.69
CA MET A 454 -10.15 11.49 -10.98
C MET A 454 -9.03 12.52 -10.93
N CYS A 455 -8.06 12.39 -11.83
CA CYS A 455 -7.02 13.37 -12.04
C CYS A 455 -7.37 14.27 -13.22
N ASP A 456 -6.68 15.41 -13.29
CA ASP A 456 -6.77 16.28 -14.45
C ASP A 456 -6.35 15.53 -15.70
N ILE A 457 -6.83 15.97 -16.86
CA ILE A 457 -6.60 15.20 -18.08
C ILE A 457 -5.61 15.90 -19.00
N ARG A 458 -5.76 17.22 -19.21
CA ARG A 458 -4.87 17.90 -20.15
C ARG A 458 -3.45 18.01 -19.60
N GLN A 459 -3.31 18.31 -18.31
CA GLN A 459 -1.97 18.33 -17.74
C GLN A 459 -1.41 16.92 -17.67
N LEU A 460 -2.27 15.92 -17.48
CA LEU A 460 -1.80 14.55 -17.54
C LEU A 460 -1.26 14.20 -18.92
N LEU A 461 -1.92 14.67 -19.99
CA LEU A 461 -1.42 14.35 -21.32
C LEU A 461 -0.15 15.13 -21.67
N PHE A 462 0.06 16.29 -21.07
CA PHE A 462 1.29 17.00 -21.34
C PHE A 462 2.44 16.51 -20.47
N VAL A 463 2.16 16.13 -19.22
CA VAL A 463 3.15 15.44 -18.41
C VAL A 463 3.53 14.10 -19.01
N VAL A 464 2.57 13.40 -19.64
CA VAL A 464 2.94 12.12 -20.26
C VAL A 464 3.82 12.35 -21.48
N GLU A 465 3.56 13.41 -22.25
CA GLU A 465 4.48 13.72 -23.35
C GLU A 465 5.87 14.06 -22.81
N VAL A 466 5.94 14.85 -21.74
CA VAL A 466 7.24 15.20 -21.18
C VAL A 466 7.97 13.98 -20.64
N VAL A 467 7.24 13.07 -19.99
CA VAL A 467 7.86 11.87 -19.43
C VAL A 467 8.32 10.93 -20.54
N ASP A 468 7.57 10.84 -21.64
CA ASP A 468 8.04 10.10 -22.79
C ASP A 468 9.34 10.69 -23.32
N LYS A 469 9.43 12.02 -23.34
CA LYS A 469 10.71 12.65 -23.69
C LYS A 469 11.81 12.29 -22.71
N TYR A 470 11.48 12.19 -21.42
CA TYR A 470 12.45 11.73 -20.43
C TYR A 470 12.90 10.29 -20.67
N PHE A 471 12.06 9.47 -21.29
CA PHE A 471 12.38 8.08 -21.57
C PHE A 471 12.73 7.86 -23.04
N ASP A 472 13.12 8.91 -23.73
CA ASP A 472 13.26 8.87 -25.18
C ASP A 472 14.62 8.33 -25.62
N CYS A 473 15.38 7.72 -24.71
CA CYS A 473 16.75 7.32 -24.97
C CYS A 473 16.94 5.82 -24.82
N TYR A 474 15.85 5.06 -24.78
CA TYR A 474 15.89 3.61 -24.65
C TYR A 474 15.21 2.96 -25.84
N ASP A 475 15.07 1.63 -25.78
CA ASP A 475 14.50 0.86 -26.87
C ASP A 475 13.67 -0.28 -26.31
N GLY A 476 12.49 -0.49 -26.89
CA GLY A 476 11.53 -1.45 -26.37
C GLY A 476 11.11 -2.44 -27.44
N GLY A 477 10.20 -3.33 -27.03
CA GLY A 477 9.55 -4.21 -27.98
C GLY A 477 9.19 -5.56 -27.42
N CYS A 478 8.33 -6.29 -28.14
CA CYS A 478 8.02 -7.66 -27.78
C CYS A 478 9.20 -8.56 -28.08
N ILE A 479 9.39 -9.58 -27.24
CA ILE A 479 10.43 -10.58 -27.45
C ILE A 479 9.81 -11.96 -27.36
N ASN A 480 10.53 -12.94 -27.91
CA ASN A 480 10.14 -14.33 -27.81
C ASN A 480 10.52 -14.89 -26.44
N ALA A 481 10.13 -16.15 -26.21
CA ALA A 481 10.43 -16.79 -24.94
C ALA A 481 11.90 -17.15 -24.80
N ASN A 482 12.67 -17.07 -25.87
CA ASN A 482 14.11 -17.34 -25.83
C ASN A 482 14.93 -16.07 -25.57
N GLN A 483 14.27 -14.93 -25.36
CA GLN A 483 14.95 -13.67 -25.09
C GLN A 483 14.71 -13.14 -23.69
N VAL A 484 13.83 -13.75 -22.91
CA VAL A 484 13.74 -13.45 -21.49
C VAL A 484 14.92 -14.07 -20.76
N ILE A 485 15.62 -13.27 -19.97
CA ILE A 485 16.49 -13.77 -18.92
C ILE A 485 15.76 -13.60 -17.58
N VAL A 486 15.46 -14.73 -16.95
CA VAL A 486 14.77 -14.74 -15.66
C VAL A 486 15.77 -15.07 -14.57
N ASN A 487 15.73 -14.30 -13.49
CA ASN A 487 16.68 -14.43 -12.40
C ASN A 487 15.98 -14.90 -11.13
N ASN A 488 16.70 -15.64 -10.30
CA ASN A 488 16.28 -16.01 -8.95
C ASN A 488 14.95 -16.76 -8.98
N LEU A 489 15.00 -17.95 -9.59
CA LEU A 489 13.80 -18.64 -10.05
C LEU A 489 12.94 -19.19 -8.91
N ASP A 490 13.30 -18.91 -7.65
CA ASP A 490 12.69 -19.56 -6.50
C ASP A 490 11.87 -18.57 -5.67
N LYS A 491 11.26 -17.60 -6.32
CA LYS A 491 10.27 -16.75 -5.67
C LYS A 491 8.91 -17.45 -5.65
N SER A 492 7.94 -16.81 -5.01
CA SER A 492 6.61 -17.41 -4.86
C SER A 492 5.89 -17.42 -6.20
N ALA A 493 5.24 -18.55 -6.49
CA ALA A 493 4.53 -18.73 -7.76
C ALA A 493 3.03 -18.54 -7.60
N GLY A 494 2.59 -17.84 -6.55
CA GLY A 494 1.25 -17.31 -6.50
C GLY A 494 0.20 -18.38 -6.28
N PHE A 495 -1.05 -17.92 -6.15
CA PHE A 495 -2.15 -18.74 -5.67
C PHE A 495 -3.18 -18.94 -6.77
N PRO A 496 -3.82 -20.11 -6.85
CA PRO A 496 -3.46 -21.33 -6.11
C PRO A 496 -2.46 -22.20 -6.85
N PHE A 497 -1.42 -21.57 -7.38
CA PHE A 497 -0.37 -22.33 -8.07
C PHE A 497 0.73 -22.79 -7.13
N ASN A 498 0.84 -22.18 -5.96
CA ASN A 498 1.93 -22.47 -5.02
C ASN A 498 1.78 -23.82 -4.34
N LYS A 499 0.77 -24.62 -4.67
CA LYS A 499 0.51 -25.85 -3.94
C LYS A 499 1.43 -26.99 -4.39
N TRP A 500 2.15 -26.82 -5.49
CA TRP A 500 2.96 -27.89 -6.06
C TRP A 500 4.37 -27.44 -6.45
N GLY A 501 4.72 -26.18 -6.23
CA GLY A 501 6.07 -25.73 -6.47
C GLY A 501 6.13 -24.22 -6.60
N LYS A 502 7.36 -23.75 -6.82
CA LYS A 502 7.60 -22.35 -7.14
C LYS A 502 7.67 -22.16 -8.66
N ALA A 503 8.04 -20.96 -9.10
CA ALA A 503 8.05 -20.64 -10.52
C ALA A 503 9.07 -21.45 -11.31
N ARG A 504 10.05 -22.05 -10.63
CA ARG A 504 11.06 -22.83 -11.33
C ARG A 504 10.43 -24.02 -12.05
N LEU A 505 9.57 -24.76 -11.35
CA LEU A 505 8.88 -25.89 -11.98
C LEU A 505 8.00 -25.43 -13.13
N TYR A 506 7.33 -24.29 -12.97
CA TYR A 506 6.43 -23.82 -14.01
C TYR A 506 7.19 -23.38 -15.26
N TYR A 507 8.40 -22.83 -15.08
CA TYR A 507 9.19 -22.44 -16.24
C TYR A 507 9.95 -23.60 -16.88
N ASP A 508 10.33 -24.62 -16.12
CA ASP A 508 10.96 -25.77 -16.77
C ASP A 508 9.97 -26.80 -17.26
N SER A 509 8.67 -26.64 -16.95
CA SER A 509 7.64 -27.50 -17.50
C SER A 509 7.25 -27.14 -18.92
N MET A 510 6.86 -25.89 -19.16
CA MET A 510 6.36 -25.45 -20.45
C MET A 510 7.54 -25.21 -21.40
N SER A 511 7.38 -25.64 -22.65
CA SER A 511 8.30 -25.22 -23.70
C SER A 511 8.03 -23.78 -24.11
N TYR A 512 8.96 -23.23 -24.90
CA TYR A 512 8.84 -21.84 -25.34
C TYR A 512 7.55 -21.60 -26.10
N GLU A 513 7.19 -22.53 -26.99
CA GLU A 513 6.03 -22.34 -27.85
C GLU A 513 4.74 -22.23 -27.03
N ASP A 514 4.65 -22.97 -25.93
CA ASP A 514 3.49 -22.87 -25.07
C ASP A 514 3.38 -21.48 -24.45
N GLN A 515 4.52 -20.91 -24.02
CA GLN A 515 4.49 -19.55 -23.47
C GLN A 515 4.13 -18.53 -24.54
N ASP A 516 4.65 -18.70 -25.77
CA ASP A 516 4.27 -17.80 -26.85
C ASP A 516 2.78 -17.89 -27.17
N ALA A 517 2.23 -19.10 -27.14
CA ALA A 517 0.80 -19.27 -27.39
C ALA A 517 -0.04 -18.66 -26.28
N LEU A 518 0.40 -18.83 -25.02
CA LEU A 518 -0.29 -18.16 -23.92
C LEU A 518 -0.23 -16.64 -24.08
N PHE A 519 0.92 -16.12 -24.48
CA PHE A 519 1.04 -14.68 -24.70
C PHE A 519 0.10 -14.21 -25.80
N ALA A 520 0.10 -14.90 -26.94
CA ALA A 520 -0.79 -14.54 -28.04
C ALA A 520 -2.26 -14.63 -27.64
N TYR A 521 -2.60 -15.58 -26.76
CA TYR A 521 -3.96 -15.64 -26.23
C TYR A 521 -4.27 -14.44 -25.34
N THR A 522 -3.31 -14.04 -24.50
CA THR A 522 -3.49 -12.84 -23.69
C THR A 522 -3.64 -11.59 -24.54
N LYS A 523 -3.17 -11.62 -25.80
CA LYS A 523 -3.29 -10.47 -26.67
C LYS A 523 -4.72 -10.20 -27.12
N ARG A 524 -5.66 -11.08 -26.80
CA ARG A 524 -7.06 -10.84 -27.12
C ARG A 524 -8.02 -11.18 -25.99
N ASN A 525 -7.53 -11.49 -24.79
CA ASN A 525 -8.36 -12.05 -23.73
C ASN A 525 -7.99 -11.40 -22.41
N VAL A 526 -8.88 -11.54 -21.43
CA VAL A 526 -8.66 -11.06 -20.07
C VAL A 526 -8.59 -12.27 -19.14
N ILE A 527 -7.54 -12.33 -18.32
CA ILE A 527 -7.38 -13.42 -17.36
C ILE A 527 -7.34 -12.84 -15.94
N PRO A 528 -8.49 -12.65 -15.29
CA PRO A 528 -8.48 -12.18 -13.91
C PRO A 528 -7.94 -13.24 -12.95
N THR A 529 -7.26 -12.77 -11.91
CA THR A 529 -6.26 -13.56 -11.19
C THR A 529 -6.35 -13.22 -9.70
N ILE A 530 -5.91 -14.15 -8.85
CA ILE A 530 -5.94 -14.00 -7.40
C ILE A 530 -4.54 -14.12 -6.85
N THR A 531 -4.20 -13.27 -5.89
CA THR A 531 -2.86 -13.16 -5.35
C THR A 531 -2.81 -13.65 -3.91
N GLN A 532 -1.73 -14.34 -3.56
CA GLN A 532 -1.47 -14.74 -2.19
C GLN A 532 -0.80 -13.60 -1.43
N MET A 533 -1.08 -13.51 -0.14
CA MET A 533 -0.53 -12.47 0.72
C MET A 533 0.10 -13.12 1.94
N ASN A 534 1.36 -12.80 2.20
CA ASN A 534 2.09 -13.27 3.37
C ASN A 534 2.63 -12.08 4.16
N LEU A 535 3.17 -12.37 5.33
CA LEU A 535 3.75 -11.36 6.21
C LEU A 535 5.27 -11.40 6.11
N LYS A 536 5.90 -10.23 6.18
CA LYS A 536 7.33 -10.11 5.97
C LYS A 536 8.10 -10.14 7.28
N TYR A 537 9.30 -10.70 7.23
CA TYR A 537 10.04 -11.14 8.42
C TYR A 537 11.47 -10.62 8.30
N ALA A 538 11.70 -9.39 8.74
CA ALA A 538 12.98 -8.74 8.57
C ALA A 538 13.07 -7.54 9.49
N ILE A 539 14.20 -6.85 9.45
CA ILE A 539 14.54 -5.81 10.42
C ILE A 539 13.60 -4.63 10.23
N SER A 540 13.26 -3.97 11.34
CA SER A 540 12.64 -2.66 11.27
C SER A 540 13.06 -1.84 12.49
N ALA A 541 12.78 -0.54 12.41
CA ALA A 541 12.94 0.34 13.56
C ALA A 541 11.62 0.62 14.29
N LYS A 542 10.50 0.22 13.72
CA LYS A 542 9.19 0.55 14.27
C LYS A 542 8.35 -0.72 14.39
N ASN A 543 7.31 -0.64 15.22
CA ASN A 543 6.60 -1.82 15.68
C ASN A 543 5.70 -2.43 14.61
N ARG A 544 5.49 -1.73 13.50
CA ARG A 544 4.45 -2.13 12.55
C ARG A 544 4.89 -3.34 11.74
N ALA A 545 3.92 -4.06 11.19
CA ALA A 545 4.16 -5.27 10.43
C ALA A 545 4.30 -4.93 8.96
N ARG A 546 5.26 -5.57 8.28
CA ARG A 546 5.42 -5.45 6.85
C ARG A 546 4.93 -6.72 6.16
N THR A 547 4.38 -6.55 4.96
CA THR A 547 3.80 -7.64 4.20
C THR A 547 4.37 -7.70 2.80
N VAL A 548 4.04 -8.78 2.09
CA VAL A 548 4.51 -9.01 0.73
C VAL A 548 3.45 -9.80 -0.02
N ALA A 549 3.37 -9.57 -1.33
CA ALA A 549 2.36 -10.18 -2.19
C ALA A 549 3.04 -11.02 -3.26
N GLY A 550 2.52 -12.21 -3.51
CA GLY A 550 3.01 -13.06 -4.58
C GLY A 550 2.01 -13.32 -5.69
N VAL A 551 2.32 -12.85 -6.89
CA VAL A 551 1.38 -12.85 -8.00
C VAL A 551 1.57 -14.11 -8.83
N SER A 552 0.54 -14.47 -9.60
CA SER A 552 0.53 -15.74 -10.33
C SER A 552 1.59 -15.77 -11.41
N ILE A 553 1.67 -16.90 -12.11
CA ILE A 553 2.76 -17.12 -13.05
C ILE A 553 2.50 -16.54 -14.43
N CYS A 554 1.25 -16.48 -14.90
CA CYS A 554 1.01 -15.99 -16.25
C CYS A 554 1.18 -14.48 -16.35
N SER A 555 0.78 -13.75 -15.30
CA SER A 555 0.87 -12.30 -15.33
C SER A 555 2.32 -11.88 -15.26
N THR A 556 3.09 -12.51 -14.37
CA THR A 556 4.51 -12.26 -14.33
C THR A 556 5.21 -12.70 -15.60
N MET A 557 4.75 -13.78 -16.24
CA MET A 557 5.37 -14.22 -17.49
C MET A 557 5.23 -13.18 -18.59
N THR A 558 4.06 -12.55 -18.70
CA THR A 558 3.88 -11.57 -19.77
C THR A 558 4.49 -10.21 -19.45
N ASN A 559 4.37 -9.77 -18.19
CA ASN A 559 5.15 -8.61 -17.77
C ASN A 559 6.62 -8.86 -17.95
N ARG A 560 7.07 -10.11 -17.77
CA ARG A 560 8.46 -10.45 -18.01
C ARG A 560 8.85 -10.22 -19.45
N GLN A 561 8.09 -10.78 -20.40
CA GLN A 561 8.50 -10.54 -21.78
C GLN A 561 8.63 -9.03 -22.08
N PHE A 562 7.55 -8.28 -21.77
CA PHE A 562 7.55 -6.87 -22.17
C PHE A 562 8.66 -6.10 -21.46
N HIS A 563 8.73 -6.21 -20.15
CA HIS A 563 9.56 -5.30 -19.43
C HIS A 563 10.90 -5.90 -19.11
N GLN A 564 11.12 -7.18 -19.42
CA GLN A 564 12.47 -7.67 -19.55
C GLN A 564 13.16 -6.93 -20.67
N LYS A 565 12.51 -6.86 -21.85
CA LYS A 565 13.16 -6.08 -22.89
C LYS A 565 13.33 -4.63 -22.48
N LEU A 566 12.25 -3.99 -22.02
CA LEU A 566 12.34 -2.55 -21.77
C LEU A 566 13.29 -2.21 -20.63
N LEU A 567 13.24 -2.96 -19.51
CA LEU A 567 14.07 -2.64 -18.36
C LEU A 567 15.53 -3.04 -18.59
N LYS A 568 15.80 -4.11 -19.33
CA LYS A 568 17.18 -4.38 -19.67
C LYS A 568 17.76 -3.30 -20.57
N SER A 569 16.91 -2.67 -21.40
CA SER A 569 17.38 -1.50 -22.13
C SER A 569 17.58 -0.28 -21.22
N ILE A 570 16.68 -0.10 -20.25
CA ILE A 570 16.74 1.10 -19.42
C ILE A 570 17.88 1.05 -18.40
N ALA A 571 18.11 -0.11 -17.79
CA ALA A 571 19.00 -0.21 -16.64
C ALA A 571 20.47 -0.34 -17.03
N ALA A 572 20.77 -0.71 -18.28
CA ALA A 572 22.14 -0.89 -18.73
C ALA A 572 22.77 0.42 -19.20
N THR A 573 22.23 1.55 -18.76
CA THR A 573 22.74 2.86 -19.15
C THR A 573 23.36 3.54 -17.94
N ARG A 574 24.30 4.44 -18.19
CA ARG A 574 24.87 5.30 -17.17
C ARG A 574 24.64 6.76 -17.54
N GLY A 575 24.24 7.55 -16.56
CA GLY A 575 24.19 8.99 -16.70
C GLY A 575 22.84 9.57 -17.03
N ALA A 576 21.77 8.81 -16.82
CA ALA A 576 20.42 9.25 -17.18
C ALA A 576 19.76 9.90 -15.98
N THR A 577 18.46 10.19 -16.10
CA THR A 577 17.72 10.75 -14.98
C THR A 577 17.41 9.68 -13.93
N VAL A 578 16.91 8.53 -14.37
CA VAL A 578 16.61 7.42 -13.47
C VAL A 578 17.89 6.60 -13.29
N VAL A 579 18.34 6.49 -12.05
CA VAL A 579 19.51 5.68 -11.71
C VAL A 579 18.99 4.41 -11.05
N ILE A 580 18.85 3.35 -11.85
CA ILE A 580 18.47 2.04 -11.34
C ILE A 580 19.48 1.01 -11.86
N GLY A 581 19.96 0.16 -10.97
CA GLY A 581 20.86 -0.90 -11.34
C GLY A 581 22.31 -0.50 -11.49
N THR A 582 22.70 0.67 -11.02
CA THR A 582 24.10 1.09 -10.99
C THR A 582 24.66 0.83 -9.59
N SER A 583 25.71 0.03 -9.53
CA SER A 583 26.46 -0.11 -8.28
C SER A 583 27.00 1.24 -7.84
N LYS A 584 26.77 1.56 -6.57
CA LYS A 584 27.33 2.77 -5.96
C LYS A 584 28.84 2.70 -5.81
N PHE A 585 29.46 1.57 -6.14
CA PHE A 585 30.87 1.35 -5.90
C PHE A 585 31.71 2.08 -6.94
N TYR A 586 33.02 1.95 -6.83
CA TYR A 586 33.94 2.25 -7.92
C TYR A 586 33.84 3.71 -8.38
N GLY A 587 33.57 4.61 -7.43
CA GLY A 587 33.26 5.98 -7.80
C GLY A 587 31.90 6.18 -8.42
N GLY A 588 31.08 5.12 -8.51
CA GLY A 588 29.77 5.27 -9.12
C GLY A 588 28.94 6.36 -8.48
N TRP A 589 28.93 6.40 -7.15
CA TRP A 589 28.21 7.47 -6.45
C TRP A 589 28.79 8.83 -6.82
N HIS A 590 30.12 8.91 -6.97
CA HIS A 590 30.75 10.17 -7.34
C HIS A 590 30.32 10.61 -8.74
N ASN A 591 30.31 9.69 -9.70
CA ASN A 591 29.88 10.03 -11.05
C ASN A 591 28.41 10.42 -11.07
N MET A 592 27.58 9.70 -10.32
CA MET A 592 26.17 10.05 -10.21
C MET A 592 26.02 11.48 -9.69
N LEU A 593 26.73 11.82 -8.63
CA LEU A 593 26.61 13.16 -8.07
C LEU A 593 27.11 14.22 -9.03
N LYS A 594 28.22 13.95 -9.73
CA LYS A 594 28.73 14.91 -10.70
C LYS A 594 27.72 15.15 -11.82
N THR A 595 27.05 14.08 -12.28
CA THR A 595 26.01 14.27 -13.28
C THR A 595 24.82 15.03 -12.71
N VAL A 596 24.55 14.88 -11.41
CA VAL A 596 23.51 15.69 -10.78
C VAL A 596 23.90 17.16 -10.75
N TYR A 597 25.18 17.46 -10.61
CA TYR A 597 25.67 18.86 -10.59
C TYR A 597 25.55 19.45 -12.00
N SER A 598 26.02 18.68 -13.00
CA SER A 598 25.98 19.10 -14.42
C SER A 598 26.52 20.53 -14.57
N ASP A 599 25.62 21.51 -14.65
CA ASP A 599 26.03 22.94 -14.80
C ASP A 599 24.92 23.84 -14.21
N VAL A 600 24.40 23.47 -13.05
CA VAL A 600 23.35 24.25 -12.41
C VAL A 600 23.99 25.38 -11.60
N GLU A 601 23.30 26.52 -11.54
CA GLU A 601 23.97 27.79 -11.25
C GLU A 601 24.17 27.97 -9.75
N ASN A 602 23.10 27.96 -8.98
CA ASN A 602 23.17 28.01 -7.52
C ASN A 602 22.64 26.70 -6.94
N PRO A 603 23.43 25.63 -6.99
CA PRO A 603 22.91 24.30 -6.62
C PRO A 603 22.54 24.22 -5.15
N HIS A 604 21.27 23.95 -4.87
CA HIS A 604 20.81 23.46 -3.59
C HIS A 604 20.16 22.09 -3.77
N LEU A 605 20.25 21.26 -2.75
CA LEU A 605 19.79 19.88 -2.82
C LEU A 605 18.46 19.76 -2.08
N MET A 606 17.68 18.74 -2.48
CA MET A 606 16.36 18.53 -1.90
C MET A 606 15.97 17.07 -2.10
N GLY A 607 15.00 16.63 -1.29
CA GLY A 607 14.52 15.27 -1.33
C GLY A 607 13.14 15.17 -0.71
N TRP A 608 12.58 13.97 -0.75
CA TRP A 608 11.25 13.73 -0.23
C TRP A 608 11.10 12.24 0.05
N ASP A 609 9.93 11.87 0.58
CA ASP A 609 9.38 10.53 0.40
C ASP A 609 7.86 10.62 0.36
N TYR A 610 7.25 9.62 -0.27
CA TYR A 610 5.81 9.60 -0.45
C TYR A 610 5.18 8.81 0.69
N PRO A 611 4.38 9.44 1.56
CA PRO A 611 3.71 8.69 2.64
C PRO A 611 2.71 7.70 2.06
N LYS A 612 2.82 6.43 2.48
CA LYS A 612 1.92 5.37 2.03
C LYS A 612 1.91 5.27 0.50
N CYS A 613 3.08 4.94 -0.06
CA CYS A 613 3.21 4.89 -1.51
C CYS A 613 2.31 3.81 -2.11
N ASP A 614 2.54 2.55 -1.72
CA ASP A 614 1.86 1.44 -2.38
C ASP A 614 0.38 1.37 -2.04
N ARG A 615 -0.06 2.02 -0.98
CA ARG A 615 -1.45 1.92 -0.55
C ARG A 615 -2.32 3.03 -1.11
N ALA A 616 -1.73 4.15 -1.51
CA ALA A 616 -2.50 5.31 -1.94
C ALA A 616 -2.30 5.66 -3.41
N MET A 617 -1.39 4.98 -4.09
CA MET A 617 -1.11 5.28 -5.50
C MET A 617 -2.34 4.99 -6.33
N PRO A 618 -2.96 6.00 -6.95
CA PRO A 618 -4.30 5.80 -7.51
C PRO A 618 -4.25 4.95 -8.77
N ASN A 619 -5.42 4.78 -9.38
CA ASN A 619 -5.50 3.94 -10.57
C ASN A 619 -5.07 4.68 -11.82
N MET A 620 -5.40 5.97 -11.91
CA MET A 620 -5.10 6.74 -13.12
C MET A 620 -3.60 6.74 -13.40
N LEU A 621 -2.79 7.02 -12.38
CA LEU A 621 -1.35 7.14 -12.61
C LEU A 621 -0.72 5.79 -12.91
N ARG A 622 -1.25 4.70 -12.34
CA ARG A 622 -0.75 3.38 -12.69
C ARG A 622 -1.06 3.04 -14.15
N ILE A 623 -2.28 3.35 -14.59
CA ILE A 623 -2.61 3.16 -16.00
C ILE A 623 -1.73 4.03 -16.88
N MET A 624 -1.43 5.25 -16.45
CA MET A 624 -0.60 6.14 -17.25
C MET A 624 0.83 5.60 -17.37
N ALA A 625 1.37 5.07 -16.28
CA ALA A 625 2.71 4.48 -16.34
C ALA A 625 2.73 3.28 -17.27
N SER A 626 1.72 2.41 -17.17
CA SER A 626 1.64 1.28 -18.09
C SER A 626 1.49 1.75 -19.53
N LEU A 627 0.76 2.85 -19.73
CA LEU A 627 0.56 3.37 -21.08
C LEU A 627 1.85 3.94 -21.65
N VAL A 628 2.67 4.58 -20.81
CA VAL A 628 4.00 4.99 -21.29
C VAL A 628 4.83 3.79 -21.70
N LEU A 629 4.85 2.77 -20.84
CA LEU A 629 5.69 1.61 -21.12
C LEU A 629 5.20 0.86 -22.36
N ALA A 630 3.92 0.98 -22.68
CA ALA A 630 3.40 0.44 -23.94
C ALA A 630 3.54 1.41 -25.11
N ARG A 631 3.62 2.72 -24.86
CA ARG A 631 3.95 3.69 -25.89
C ARG A 631 5.36 3.48 -26.40
N LYS A 632 6.22 2.81 -25.62
CA LYS A 632 7.48 2.37 -26.19
C LYS A 632 7.30 1.22 -27.19
N HIS A 633 6.07 0.83 -27.49
CA HIS A 633 5.76 -0.15 -28.53
C HIS A 633 5.19 0.59 -29.73
N THR A 634 6.01 0.77 -30.76
CA THR A 634 5.56 1.43 -31.98
C THR A 634 5.40 0.49 -33.17
N THR A 635 6.11 -0.64 -33.20
CA THR A 635 6.31 -1.40 -34.42
C THR A 635 5.78 -2.81 -34.35
N CYS A 636 5.41 -3.30 -33.16
CA CYS A 636 5.08 -4.71 -32.96
C CYS A 636 3.59 -4.95 -32.79
N CYS A 637 2.84 -3.98 -32.26
CA CYS A 637 1.45 -4.17 -31.88
C CYS A 637 0.59 -3.12 -32.55
N SER A 638 -0.62 -3.53 -32.95
CA SER A 638 -1.65 -2.58 -33.36
C SER A 638 -2.37 -2.03 -32.13
N LEU A 639 -3.49 -1.34 -32.35
CA LEU A 639 -4.26 -0.80 -31.24
C LEU A 639 -4.87 -1.90 -30.39
N SER A 640 -5.44 -2.93 -31.03
CA SER A 640 -6.19 -3.94 -30.30
C SER A 640 -5.28 -4.73 -29.36
N HIS A 641 -4.11 -5.14 -29.83
CA HIS A 641 -3.19 -5.91 -28.99
C HIS A 641 -2.75 -5.09 -27.78
N ARG A 642 -2.41 -3.82 -28.00
CA ARG A 642 -1.95 -2.99 -26.91
C ARG A 642 -3.07 -2.72 -25.91
N PHE A 643 -4.29 -2.53 -26.39
CA PHE A 643 -5.40 -2.34 -25.47
C PHE A 643 -5.67 -3.60 -24.65
N TYR A 644 -5.59 -4.77 -25.28
CA TYR A 644 -5.79 -6.00 -24.53
C TYR A 644 -4.68 -6.23 -23.52
N ARG A 645 -3.45 -5.85 -23.85
CA ARG A 645 -2.36 -5.96 -22.89
C ARG A 645 -2.56 -5.00 -21.72
N LEU A 646 -3.00 -3.77 -21.99
CA LEU A 646 -3.30 -2.84 -20.91
C LEU A 646 -4.42 -3.36 -20.02
N ALA A 647 -5.46 -3.95 -20.62
CA ALA A 647 -6.55 -4.51 -19.83
C ALA A 647 -6.08 -5.68 -18.97
N ASN A 648 -5.24 -6.54 -19.54
CA ASN A 648 -4.68 -7.65 -18.76
C ASN A 648 -3.86 -7.12 -17.60
N GLU A 649 -3.01 -6.13 -17.84
CA GLU A 649 -2.21 -5.57 -16.75
C GLU A 649 -3.08 -5.00 -15.65
N CYS A 650 -4.12 -4.26 -16.03
CA CYS A 650 -4.97 -3.63 -15.02
C CYS A 650 -5.77 -4.67 -14.24
N ALA A 651 -6.21 -5.73 -14.90
CA ALA A 651 -7.01 -6.75 -14.22
C ALA A 651 -6.17 -7.71 -13.40
N GLN A 652 -4.88 -7.81 -13.68
CA GLN A 652 -4.01 -8.68 -12.91
C GLN A 652 -3.28 -7.97 -11.78
N VAL A 653 -3.03 -6.67 -11.90
CA VAL A 653 -2.20 -5.98 -10.92
C VAL A 653 -3.01 -4.95 -10.16
N LEU A 654 -3.93 -4.27 -10.84
CA LEU A 654 -4.49 -3.05 -10.26
C LEU A 654 -5.68 -3.34 -9.35
N SER A 655 -6.61 -4.17 -9.78
CA SER A 655 -7.89 -4.32 -9.10
C SER A 655 -8.33 -5.79 -9.05
N GLU A 656 -7.38 -6.69 -8.79
CA GLU A 656 -7.73 -8.10 -8.68
C GLU A 656 -8.15 -8.42 -7.25
N MET A 657 -8.49 -9.68 -7.01
CA MET A 657 -8.92 -10.15 -5.70
C MET A 657 -7.79 -10.92 -5.03
N VAL A 658 -7.65 -10.75 -3.72
CA VAL A 658 -6.53 -11.28 -2.95
C VAL A 658 -7.02 -12.41 -2.07
N MET A 659 -6.19 -13.45 -1.93
CA MET A 659 -6.43 -14.52 -0.97
C MET A 659 -5.69 -14.18 0.31
N CYS A 660 -6.41 -13.61 1.27
CA CYS A 660 -5.83 -13.12 2.51
C CYS A 660 -6.17 -14.06 3.64
N GLY A 661 -5.25 -14.97 3.96
CA GLY A 661 -5.49 -15.94 5.02
C GLY A 661 -6.18 -17.19 4.54
N GLY A 662 -7.47 -17.30 4.82
CA GLY A 662 -8.32 -18.26 4.14
C GLY A 662 -9.57 -17.63 3.56
N SER A 663 -9.42 -16.45 2.97
CA SER A 663 -10.53 -15.67 2.47
C SER A 663 -10.17 -15.07 1.13
N LEU A 664 -11.20 -14.66 0.38
CA LEU A 664 -11.04 -13.90 -0.86
C LEU A 664 -11.70 -12.54 -0.67
N TYR A 665 -10.90 -11.49 -0.74
CA TYR A 665 -11.38 -10.12 -0.65
C TYR A 665 -11.11 -9.41 -1.97
N VAL A 666 -11.70 -8.23 -2.13
CA VAL A 666 -11.51 -7.41 -3.31
C VAL A 666 -10.50 -6.32 -2.99
N LYS A 667 -9.49 -6.18 -3.86
CA LYS A 667 -8.41 -5.23 -3.62
C LYS A 667 -8.65 -3.98 -4.44
N PRO A 668 -8.89 -2.82 -3.82
CA PRO A 668 -9.49 -1.71 -4.57
C PRO A 668 -8.52 -1.09 -5.56
N GLY A 669 -7.25 -0.98 -5.21
CA GLY A 669 -6.28 -0.35 -6.08
C GLY A 669 -4.89 -0.45 -5.49
N GLY A 670 -3.99 0.36 -6.03
CA GLY A 670 -2.66 0.39 -5.45
C GLY A 670 -1.81 -0.79 -5.88
N THR A 671 -0.51 -0.55 -5.96
CA THR A 671 0.38 -1.44 -6.69
C THR A 671 0.56 -2.75 -5.94
N SER A 672 1.04 -3.76 -6.68
CA SER A 672 1.50 -5.01 -6.10
C SER A 672 3.03 -5.01 -6.03
N SER A 673 3.57 -5.78 -5.09
CA SER A 673 4.99 -5.78 -4.82
C SER A 673 5.70 -6.97 -5.43
N GLY A 674 5.25 -7.46 -6.59
CA GLY A 674 5.63 -8.77 -7.06
C GLY A 674 6.56 -8.77 -8.26
N ASP A 675 6.54 -7.70 -9.04
CA ASP A 675 7.39 -7.56 -10.22
C ASP A 675 8.29 -6.33 -10.10
N ALA A 676 9.30 -6.28 -10.96
CA ALA A 676 10.18 -5.11 -11.03
C ALA A 676 9.52 -3.95 -11.75
N THR A 677 8.51 -4.22 -12.57
CA THR A 677 7.87 -3.15 -13.32
C THR A 677 6.91 -2.37 -12.44
N THR A 678 6.89 -2.72 -11.16
CA THR A 678 6.25 -1.87 -10.17
C THR A 678 7.21 -0.89 -9.55
N ALA A 679 8.49 -1.26 -9.39
CA ALA A 679 9.49 -0.26 -9.07
C ALA A 679 9.67 0.71 -10.24
N TYR A 680 9.48 0.23 -11.46
CA TYR A 680 9.58 1.17 -12.58
C TYR A 680 8.32 1.99 -12.80
N ALA A 681 7.15 1.43 -12.51
CA ALA A 681 5.95 2.24 -12.41
C ALA A 681 6.10 3.32 -11.36
N ASN A 682 6.66 2.98 -10.20
CA ASN A 682 7.00 3.97 -9.19
C ASN A 682 7.93 5.06 -9.72
N SER A 683 8.97 4.67 -10.47
CA SER A 683 9.87 5.65 -11.07
C SER A 683 9.11 6.61 -11.97
N VAL A 684 8.29 6.07 -12.87
CA VAL A 684 7.49 6.90 -13.77
C VAL A 684 6.56 7.82 -12.98
N PHE A 685 5.89 7.26 -11.96
CA PHE A 685 5.03 8.04 -11.08
C PHE A 685 5.78 9.20 -10.45
N ASN A 686 6.98 8.94 -9.95
CA ASN A 686 7.81 9.99 -9.35
C ASN A 686 8.12 11.09 -10.36
N ILE A 687 8.56 10.70 -11.55
CA ILE A 687 8.85 11.69 -12.60
C ILE A 687 7.60 12.50 -12.93
N CYS A 688 6.45 11.83 -13.04
CA CYS A 688 5.18 12.51 -13.26
C CYS A 688 4.93 13.56 -12.18
N GLN A 689 5.04 13.15 -10.93
CA GLN A 689 4.84 14.06 -9.81
C GLN A 689 5.75 15.27 -9.93
N ALA A 690 7.04 15.03 -10.17
CA ALA A 690 8.00 16.12 -10.31
C ALA A 690 7.61 17.08 -11.43
N VAL A 691 7.28 16.53 -12.60
CA VAL A 691 6.94 17.37 -13.75
C VAL A 691 5.68 18.19 -13.46
N THR A 692 4.67 17.55 -12.86
CA THR A 692 3.45 18.26 -12.49
C THR A 692 3.74 19.39 -11.51
N ALA A 693 4.58 19.11 -10.52
CA ALA A 693 4.98 20.14 -9.56
C ALA A 693 5.62 21.32 -10.26
N ASN A 694 6.56 21.04 -11.17
CA ASN A 694 7.21 22.11 -11.92
C ASN A 694 6.21 22.90 -12.74
N VAL A 695 5.28 22.20 -13.40
CA VAL A 695 4.25 22.87 -14.20
C VAL A 695 3.42 23.82 -13.34
N ASN A 696 2.93 23.33 -12.21
CA ASN A 696 2.18 24.19 -11.31
C ASN A 696 3.02 25.37 -10.82
N ALA A 697 4.26 25.12 -10.40
CA ALA A 697 5.09 26.19 -9.89
C ALA A 697 5.40 27.25 -10.94
N LEU A 698 5.49 26.84 -12.21
CA LEU A 698 5.79 27.76 -13.29
C LEU A 698 4.55 28.45 -13.83
N LEU A 699 3.37 27.86 -13.66
CA LEU A 699 2.14 28.44 -14.16
C LEU A 699 1.32 29.13 -13.09
N SER A 700 1.44 28.72 -11.83
CA SER A 700 0.80 29.44 -10.73
C SER A 700 1.65 30.60 -10.21
N THR A 701 2.76 30.92 -10.86
CA THR A 701 3.51 32.13 -10.56
C THR A 701 3.21 33.21 -11.59
N ASP A 702 3.04 34.44 -11.10
CA ASP A 702 2.56 35.51 -11.96
C ASP A 702 3.72 36.13 -12.73
N GLY A 703 3.68 36.03 -14.06
CA GLY A 703 4.77 36.49 -14.89
C GLY A 703 5.03 37.98 -14.82
N ASN A 704 4.07 38.76 -14.30
CA ASN A 704 4.28 40.20 -14.14
C ASN A 704 5.35 40.53 -13.11
N LYS A 705 5.61 39.62 -12.18
CA LYS A 705 6.78 39.72 -11.30
C LYS A 705 7.97 38.93 -11.79
N ILE A 706 7.81 38.13 -12.85
CA ILE A 706 8.96 37.53 -13.52
C ILE A 706 9.70 38.61 -14.31
N ALA A 707 10.97 38.80 -13.99
CA ALA A 707 11.75 39.85 -14.65
C ALA A 707 12.31 39.40 -15.99
N ASP A 708 12.61 38.11 -16.14
CA ASP A 708 12.96 37.58 -17.45
C ASP A 708 11.73 37.57 -18.35
N LYS A 709 11.95 37.52 -19.66
CA LYS A 709 10.85 37.42 -20.60
C LYS A 709 10.88 36.14 -21.42
N TYR A 710 12.01 35.44 -21.44
CA TYR A 710 12.07 34.16 -22.15
C TYR A 710 11.28 33.10 -21.39
N VAL A 711 11.45 33.03 -20.07
CA VAL A 711 10.60 32.14 -19.30
C VAL A 711 9.15 32.62 -19.30
N ARG A 712 8.91 33.92 -19.50
CA ARG A 712 7.54 34.40 -19.64
C ARG A 712 6.89 33.85 -20.90
N ASN A 713 7.60 33.90 -22.02
CA ASN A 713 7.10 33.29 -23.24
C ASN A 713 6.97 31.78 -23.08
N LEU A 714 7.87 31.16 -22.34
CA LEU A 714 7.76 29.73 -22.04
C LEU A 714 6.47 29.42 -21.29
N GLN A 715 6.13 30.22 -20.29
CA GLN A 715 4.89 30.04 -19.55
C GLN A 715 3.67 30.26 -20.45
N HIS A 716 3.72 31.27 -21.31
CA HIS A 716 2.61 31.51 -22.23
C HIS A 716 2.40 30.29 -23.14
N ARG A 717 3.48 29.77 -23.72
CA ARG A 717 3.37 28.59 -24.56
C ARG A 717 2.97 27.35 -23.75
N LEU A 718 3.34 27.28 -22.49
CA LEU A 718 2.90 26.19 -21.63
C LEU A 718 1.39 26.18 -21.48
N TYR A 719 0.82 27.35 -21.15
CA TYR A 719 -0.63 27.45 -21.07
C TYR A 719 -1.28 27.09 -22.41
N GLU A 720 -0.70 27.58 -23.51
CA GLU A 720 -1.26 27.28 -24.83
C GLU A 720 -1.29 25.78 -25.09
N CYS A 721 -0.16 25.10 -24.86
CA CYS A 721 -0.08 23.67 -25.14
C CYS A 721 -0.91 22.86 -24.15
N LEU A 722 -1.17 23.38 -22.96
CA LEU A 722 -2.02 22.66 -22.01
C LEU A 722 -3.48 22.77 -22.40
N TYR A 723 -4.03 23.98 -22.41
CA TYR A 723 -5.47 24.17 -22.48
C TYR A 723 -5.96 24.59 -23.86
N ARG A 724 -5.17 24.38 -24.91
CA ARG A 724 -5.58 24.79 -26.28
C ARG A 724 -5.49 23.62 -27.25
N ASN A 725 -4.45 23.62 -28.09
CA ASN A 725 -4.21 22.58 -29.14
C ASN A 725 -4.47 21.17 -28.62
N ARG A 726 -5.24 20.37 -29.37
CA ARG A 726 -5.56 18.96 -29.01
C ARG A 726 -4.47 18.05 -29.58
N ASP A 727 -3.76 18.53 -30.60
CA ASP A 727 -2.68 17.76 -31.20
C ASP A 727 -1.43 17.88 -30.33
N VAL A 728 -0.40 17.12 -30.68
CA VAL A 728 0.85 17.08 -29.92
C VAL A 728 1.90 17.89 -30.67
N ASP A 729 2.61 18.74 -29.92
CA ASP A 729 3.57 19.68 -30.50
C ASP A 729 4.96 19.31 -30.00
N THR A 730 5.80 18.80 -30.89
CA THR A 730 7.09 18.25 -30.48
C THR A 730 8.10 19.33 -30.11
N ASP A 731 8.07 20.48 -30.78
CA ASP A 731 9.10 21.48 -30.58
C ASP A 731 9.04 22.05 -29.16
N PHE A 732 7.86 22.44 -28.71
CA PHE A 732 7.73 22.99 -27.37
C PHE A 732 8.00 21.94 -26.29
N VAL A 733 7.65 20.68 -26.56
CA VAL A 733 7.98 19.61 -25.61
C VAL A 733 9.49 19.47 -25.48
N ASN A 734 10.21 19.49 -26.61
CA ASN A 734 11.67 19.45 -26.56
C ASN A 734 12.23 20.66 -25.81
N GLU A 735 11.64 21.83 -26.04
CA GLU A 735 12.08 23.04 -25.37
C GLU A 735 11.93 22.91 -23.85
N PHE A 736 10.77 22.42 -23.40
CA PHE A 736 10.54 22.31 -21.96
C PHE A 736 11.40 21.23 -21.34
N TYR A 737 11.64 20.13 -22.06
CA TYR A 737 12.54 19.10 -21.56
C TYR A 737 13.96 19.63 -21.41
N ALA A 738 14.42 20.44 -22.38
CA ALA A 738 15.74 21.06 -22.26
C ALA A 738 15.78 22.05 -21.11
N TYR A 739 14.71 22.82 -20.93
CA TYR A 739 14.63 23.73 -19.79
C TYR A 739 14.78 22.98 -18.47
N LEU A 740 14.06 21.87 -18.32
CA LEU A 740 14.17 21.10 -17.09
C LEU A 740 15.57 20.53 -16.91
N ARG A 741 16.13 19.93 -17.97
CA ARG A 741 17.47 19.37 -17.86
C ARG A 741 18.53 20.43 -17.56
N LYS A 742 18.28 21.68 -17.94
CA LYS A 742 19.23 22.74 -17.64
C LYS A 742 19.06 23.28 -16.22
N HIS A 743 17.82 23.43 -15.74
CA HIS A 743 17.57 24.12 -14.49
C HIS A 743 17.08 23.21 -13.38
N PHE A 744 16.94 21.90 -13.64
CA PHE A 744 16.36 20.99 -12.65
C PHE A 744 16.94 19.60 -12.93
N SER A 745 18.01 19.27 -12.21
CA SER A 745 18.70 18.01 -12.43
C SER A 745 18.26 17.01 -11.37
N MET A 746 17.69 15.90 -11.81
CA MET A 746 17.12 14.91 -10.91
C MET A 746 17.92 13.62 -10.97
N MET A 747 17.98 12.94 -9.83
CA MET A 747 18.59 11.62 -9.72
C MET A 747 17.57 10.70 -9.07
N ILE A 748 17.00 9.80 -9.85
CA ILE A 748 15.74 9.14 -9.51
C ILE A 748 16.01 7.65 -9.29
N LEU A 749 15.57 7.15 -8.14
CA LEU A 749 15.28 5.74 -7.92
C LEU A 749 13.87 5.65 -7.34
N SER A 750 13.24 4.49 -7.48
CA SER A 750 11.83 4.32 -7.18
C SER A 750 11.51 4.85 -5.79
N ASP A 751 10.68 5.88 -5.72
CA ASP A 751 10.15 6.47 -4.48
C ASP A 751 11.20 7.27 -3.71
N ASP A 752 12.46 7.28 -4.16
CA ASP A 752 13.53 7.95 -3.45
C ASP A 752 14.34 8.78 -4.42
N ALA A 753 14.33 10.10 -4.25
CA ALA A 753 14.81 11.03 -5.25
C ALA A 753 15.82 11.99 -4.64
N VAL A 754 16.64 12.59 -5.52
CA VAL A 754 17.50 13.72 -5.15
C VAL A 754 17.37 14.78 -6.24
N VAL A 755 17.13 16.02 -5.82
CA VAL A 755 16.89 17.14 -6.73
C VAL A 755 18.00 18.16 -6.53
N CYS A 756 18.67 18.54 -7.62
CA CYS A 756 19.59 19.67 -7.62
C CYS A 756 19.02 20.76 -8.52
N PHE A 757 18.81 21.94 -7.94
CA PHE A 757 18.06 22.99 -8.62
C PHE A 757 18.75 24.33 -8.40
N ASN A 758 18.52 25.24 -9.34
CA ASN A 758 19.10 26.57 -9.26
C ASN A 758 18.34 27.41 -8.24
N SER A 759 19.06 27.94 -7.25
CA SER A 759 18.41 28.44 -6.04
C SER A 759 17.61 29.70 -6.30
N THR A 760 18.13 30.60 -7.15
CA THR A 760 17.44 31.85 -7.40
C THR A 760 16.12 31.61 -8.13
N TYR A 761 16.09 30.64 -9.05
CA TYR A 761 14.85 30.28 -9.71
C TYR A 761 13.81 29.77 -8.72
N ALA A 762 14.22 28.84 -7.84
CA ALA A 762 13.28 28.32 -6.85
C ALA A 762 12.82 29.41 -5.88
N SER A 763 13.69 30.38 -5.60
CA SER A 763 13.26 31.53 -4.81
C SER A 763 12.24 32.36 -5.58
N GLN A 764 12.38 32.43 -6.90
CA GLN A 764 11.34 32.99 -7.74
C GLN A 764 10.24 31.98 -8.06
N GLY A 765 10.50 30.70 -7.81
CA GLY A 765 9.49 29.67 -7.95
C GLY A 765 9.44 28.95 -9.28
N LEU A 766 10.36 29.24 -10.20
CA LEU A 766 10.30 28.70 -11.54
C LEU A 766 10.92 27.31 -11.65
N VAL A 767 11.30 26.71 -10.52
CA VAL A 767 11.49 25.28 -10.41
C VAL A 767 10.88 24.82 -9.08
N ALA A 768 10.69 23.50 -8.95
CA ALA A 768 9.81 22.97 -7.93
C ALA A 768 10.39 23.20 -6.54
N SER A 769 9.65 23.92 -5.71
CA SER A 769 9.90 23.98 -4.28
C SER A 769 9.31 22.74 -3.60
N ILE A 770 9.22 22.75 -2.28
CA ILE A 770 8.70 21.58 -1.57
C ILE A 770 7.23 21.75 -1.19
N LYS A 771 6.77 22.99 -1.00
CA LYS A 771 5.34 23.19 -0.74
C LYS A 771 4.50 22.84 -1.97
N ASN A 772 5.05 23.04 -3.17
CA ASN A 772 4.36 22.58 -4.37
C ASN A 772 4.21 21.07 -4.37
N PHE A 773 5.26 20.34 -4.01
CA PHE A 773 5.15 18.89 -3.89
C PHE A 773 4.12 18.49 -2.84
N LYS A 774 4.11 19.19 -1.70
CA LYS A 774 3.12 18.89 -0.67
C LYS A 774 1.71 19.05 -1.21
N SER A 775 1.45 20.17 -1.88
CA SER A 775 0.11 20.41 -2.44
C SER A 775 -0.25 19.37 -3.49
N VAL A 776 0.71 19.02 -4.35
CA VAL A 776 0.42 18.05 -5.41
C VAL A 776 0.09 16.69 -4.82
N LEU A 777 0.90 16.24 -3.85
CA LEU A 777 0.60 14.97 -3.21
C LEU A 777 -0.77 14.99 -2.54
N TYR A 778 -1.09 16.09 -1.85
CA TYR A 778 -2.38 16.15 -1.16
C TYR A 778 -3.53 16.06 -2.13
N TYR A 779 -3.46 16.80 -3.23
CA TYR A 779 -4.64 16.88 -4.10
C TYR A 779 -4.69 15.78 -5.16
N GLN A 780 -3.62 15.01 -5.37
CA GLN A 780 -3.61 14.03 -6.42
C GLN A 780 -3.26 12.63 -5.97
N ASN A 781 -2.88 12.43 -4.71
CA ASN A 781 -2.50 11.12 -4.22
C ASN A 781 -3.11 10.79 -2.87
N ASN A 782 -3.74 11.76 -2.20
CA ASN A 782 -4.62 11.50 -1.07
C ASN A 782 -3.85 11.05 0.17
N VAL A 783 -2.60 11.49 0.28
CA VAL A 783 -1.89 11.54 1.56
C VAL A 783 -1.37 12.95 1.75
N PHE A 784 -1.06 13.29 3.00
CA PHE A 784 -0.46 14.55 3.36
C PHE A 784 1.00 14.30 3.76
N MET A 785 1.93 14.92 3.04
CA MET A 785 3.35 14.75 3.30
C MET A 785 3.78 15.78 4.33
N SER A 786 4.08 15.31 5.54
CA SER A 786 4.45 16.21 6.63
C SER A 786 5.82 16.81 6.39
N GLU A 787 6.00 18.03 6.87
CA GLU A 787 7.21 18.79 6.54
C GLU A 787 8.45 18.26 7.24
N ALA A 788 8.31 17.38 8.23
CA ALA A 788 9.45 16.93 9.01
C ALA A 788 10.27 15.87 8.31
N LYS A 789 9.81 15.36 7.16
CA LYS A 789 10.51 14.32 6.43
C LYS A 789 11.05 14.80 5.09
N CYS A 790 10.88 16.08 4.76
CA CYS A 790 11.48 16.66 3.57
C CYS A 790 12.57 17.65 3.98
N TRP A 791 13.77 17.47 3.44
CA TRP A 791 14.96 18.16 3.92
C TRP A 791 15.55 19.02 2.81
N THR A 792 16.43 19.94 3.21
CA THR A 792 17.00 20.92 2.30
C THR A 792 18.42 21.24 2.76
N GLU A 793 19.37 21.20 1.82
CA GLU A 793 20.79 21.30 2.14
C GLU A 793 21.41 22.39 1.28
N THR A 794 21.88 23.46 1.92
CA THR A 794 22.29 24.66 1.21
C THR A 794 23.73 24.62 0.76
N ASP A 795 24.57 23.81 1.39
CA ASP A 795 25.94 23.59 0.97
C ASP A 795 26.02 22.27 0.20
N LEU A 796 26.58 22.31 -1.01
CA LEU A 796 26.75 21.11 -1.79
C LEU A 796 27.96 20.30 -1.38
N THR A 797 28.99 20.94 -0.84
CA THR A 797 30.22 20.22 -0.48
C THR A 797 29.98 19.20 0.63
N LYS A 798 28.82 19.23 1.28
CA LYS A 798 28.23 18.05 1.90
C LYS A 798 27.03 17.63 1.08
N GLY A 799 27.02 16.37 0.65
CA GLY A 799 26.23 15.94 -0.47
C GLY A 799 24.76 15.77 -0.15
N PRO A 800 24.12 14.77 -0.74
CA PRO A 800 22.78 14.38 -0.30
C PRO A 800 22.76 14.03 1.18
N HIS A 801 21.81 14.64 1.90
CA HIS A 801 21.58 14.27 3.29
C HIS A 801 21.29 12.78 3.45
N GLU A 802 20.44 12.23 2.57
CA GLU A 802 20.12 10.82 2.60
C GLU A 802 19.47 10.43 1.27
N PHE A 803 19.96 9.37 0.65
CA PHE A 803 19.33 8.79 -0.53
C PHE A 803 19.65 7.30 -0.55
N CYS A 804 18.62 6.49 -0.83
CA CYS A 804 18.77 5.03 -0.89
C CYS A 804 19.34 4.46 0.41
N SER A 805 18.94 5.05 1.54
CA SER A 805 19.38 4.62 2.87
C SER A 805 20.90 4.66 3.02
N GLN A 806 21.55 5.66 2.43
CA GLN A 806 22.98 5.88 2.63
C GLN A 806 23.25 7.36 2.88
N HIS A 807 24.20 7.64 3.76
CA HIS A 807 24.68 8.99 3.99
C HIS A 807 25.99 9.20 3.25
N THR A 808 26.31 10.46 2.94
CA THR A 808 27.50 10.79 2.17
C THR A 808 28.32 11.87 2.86
N MET A 809 29.64 11.77 2.71
CA MET A 809 30.59 12.71 3.28
C MET A 809 31.64 13.04 2.25
N LEU A 810 32.17 14.27 2.31
CA LEU A 810 33.20 14.71 1.37
C LEU A 810 34.56 14.40 1.96
N VAL A 811 35.25 13.43 1.38
CA VAL A 811 36.53 12.96 1.87
C VAL A 811 37.59 13.30 0.82
N LYS A 812 38.85 13.25 1.23
CA LYS A 812 39.98 13.42 0.32
C LYS A 812 40.73 12.09 0.23
N GLN A 813 41.03 11.66 -0.99
CA GLN A 813 41.61 10.35 -1.26
C GLN A 813 42.71 10.53 -2.29
N GLY A 814 43.93 10.73 -1.81
CA GLY A 814 45.09 10.86 -2.67
C GLY A 814 44.99 12.01 -3.64
N ASP A 815 44.86 13.23 -3.11
CA ASP A 815 44.74 14.45 -3.92
C ASP A 815 43.53 14.38 -4.85
N ASP A 816 42.44 13.77 -4.38
CA ASP A 816 41.14 13.89 -5.02
C ASP A 816 40.08 14.00 -3.93
N TYR A 817 39.19 14.98 -4.05
CA TYR A 817 38.07 15.10 -3.13
C TYR A 817 36.87 14.36 -3.72
N VAL A 818 36.46 13.28 -3.05
CA VAL A 818 35.45 12.37 -3.58
C VAL A 818 34.34 12.21 -2.57
N TYR A 819 33.15 11.87 -3.07
CA TYR A 819 32.01 11.58 -2.21
C TYR A 819 31.92 10.08 -1.95
N LEU A 820 31.75 9.72 -0.67
CA LEU A 820 31.62 8.33 -0.28
C LEU A 820 30.30 8.10 0.43
N PRO A 821 29.63 6.97 0.19
CA PRO A 821 28.44 6.63 0.97
C PRO A 821 28.77 5.82 2.21
N TYR A 822 28.26 6.26 3.36
CA TYR A 822 28.36 5.48 4.59
C TYR A 822 26.99 5.32 5.22
N PRO A 823 26.72 4.16 5.83
CA PRO A 823 25.37 3.87 6.31
C PRO A 823 25.10 4.49 7.67
N ASP A 824 23.95 4.16 8.26
CA ASP A 824 23.78 4.27 9.70
C ASP A 824 24.37 3.04 10.37
N PRO A 825 25.40 3.19 11.21
CA PRO A 825 26.02 2.00 11.82
C PRO A 825 25.15 1.28 12.82
N SER A 826 24.14 1.95 13.38
CA SER A 826 23.21 1.27 14.27
C SER A 826 22.52 0.11 13.56
N ARG A 827 22.14 0.32 12.30
CA ARG A 827 21.57 -0.77 11.50
C ARG A 827 22.56 -1.90 11.33
N ILE A 828 23.85 -1.57 11.16
CA ILE A 828 24.87 -2.59 10.99
C ILE A 828 25.00 -3.43 12.26
N LEU A 829 25.05 -2.76 13.41
CA LEU A 829 25.10 -3.48 14.68
C LEU A 829 23.86 -4.34 14.88
N GLY A 830 22.69 -3.82 14.52
CA GLY A 830 21.47 -4.62 14.64
C GLY A 830 21.51 -5.87 13.78
N ALA A 831 21.90 -5.71 12.52
CA ALA A 831 22.01 -6.87 11.63
C ALA A 831 23.07 -7.85 12.11
N GLY A 832 24.07 -7.36 12.85
CA GLY A 832 25.07 -8.25 13.40
C GLY A 832 24.61 -9.03 14.62
N CYS A 833 23.83 -8.39 15.49
CA CYS A 833 23.41 -9.06 16.73
C CYS A 833 22.18 -9.94 16.54
N PHE A 834 21.25 -9.55 15.67
CA PHE A 834 20.03 -10.31 15.43
C PHE A 834 20.08 -10.90 14.04
N VAL A 835 20.08 -12.24 13.97
CA VAL A 835 19.88 -12.94 12.71
C VAL A 835 18.71 -13.91 12.85
N ASP A 836 18.21 -14.41 11.72
CA ASP A 836 16.88 -14.97 11.62
C ASP A 836 16.92 -16.46 11.25
N ASP A 837 17.93 -17.17 11.75
CA ASP A 837 17.95 -18.62 11.90
C ASP A 837 18.22 -19.34 10.58
N ILE A 838 18.37 -18.63 9.46
CA ILE A 838 19.00 -19.24 8.30
C ILE A 838 20.50 -19.37 8.45
N VAL A 839 21.15 -18.42 9.13
CA VAL A 839 22.60 -18.49 9.35
C VAL A 839 22.94 -19.07 10.72
N LYS A 840 21.96 -19.28 11.59
CA LYS A 840 22.21 -19.86 12.90
C LYS A 840 22.57 -21.34 12.84
N THR A 841 22.63 -21.93 11.64
CA THR A 841 23.06 -23.32 11.48
C THR A 841 24.53 -23.42 11.06
N ASP A 842 24.89 -22.81 9.94
CA ASP A 842 26.22 -22.92 9.37
C ASP A 842 26.90 -21.55 9.35
N GLY A 843 28.22 -21.57 9.31
CA GLY A 843 29.00 -20.38 9.58
C GLY A 843 29.40 -19.62 8.32
N THR A 844 29.48 -20.34 7.20
CA THR A 844 29.89 -19.71 5.94
C THR A 844 28.99 -18.53 5.59
N LEU A 845 27.68 -18.74 5.64
CA LEU A 845 26.75 -17.65 5.36
C LEU A 845 26.82 -16.57 6.43
N MET A 846 27.16 -16.93 7.67
CA MET A 846 27.39 -15.93 8.70
C MET A 846 28.56 -15.02 8.33
N ILE A 847 29.68 -15.61 7.90
CA ILE A 847 30.81 -14.81 7.46
C ILE A 847 30.47 -14.00 6.21
N GLU A 848 29.66 -14.55 5.31
CA GLU A 848 29.19 -13.77 4.17
C GLU A 848 28.43 -12.53 4.62
N ARG A 849 27.48 -12.70 5.54
CA ARG A 849 26.73 -11.56 6.05
C ARG A 849 27.65 -10.57 6.72
N PHE A 850 28.64 -11.05 7.48
CA PHE A 850 29.53 -10.15 8.20
C PHE A 850 30.42 -9.35 7.23
N VAL A 851 30.95 -10.00 6.20
CA VAL A 851 31.77 -9.29 5.22
C VAL A 851 30.94 -8.29 4.43
N SER A 852 29.70 -8.66 4.08
CA SER A 852 28.82 -7.70 3.40
C SER A 852 28.55 -6.49 4.29
N LEU A 853 28.27 -6.74 5.57
CA LEU A 853 28.00 -5.64 6.49
C LEU A 853 29.21 -4.73 6.63
N ALA A 854 30.41 -5.31 6.70
CA ALA A 854 31.62 -4.52 6.80
C ALA A 854 31.88 -3.73 5.52
N ILE A 855 31.55 -4.31 4.36
CA ILE A 855 31.71 -3.58 3.11
C ILE A 855 30.76 -2.39 3.05
N ASP A 856 29.50 -2.59 3.43
CA ASP A 856 28.56 -1.47 3.44
C ASP A 856 28.99 -0.39 4.43
N ALA A 857 29.80 -0.75 5.43
CA ALA A 857 30.21 0.18 6.48
C ALA A 857 31.73 0.26 6.63
N TYR A 858 32.47 0.09 5.52
CA TYR A 858 33.89 0.43 5.55
C TYR A 858 34.14 1.93 5.60
N PRO A 859 33.54 2.76 4.74
CA PRO A 859 33.92 4.18 4.71
C PRO A 859 33.75 4.93 6.01
N LEU A 860 33.10 4.34 7.01
CA LEU A 860 32.94 5.00 8.31
C LEU A 860 34.28 5.41 8.93
N THR A 861 35.39 4.84 8.46
CA THR A 861 36.70 5.23 8.98
C THR A 861 36.96 6.71 8.81
N LYS A 862 36.53 7.30 7.71
CA LYS A 862 36.92 8.66 7.34
C LYS A 862 36.00 9.72 7.91
N HIS A 863 34.88 9.32 8.52
CA HIS A 863 34.10 10.26 9.30
C HIS A 863 34.93 10.77 10.48
N PRO A 864 34.73 12.04 10.89
CA PRO A 864 35.57 12.59 11.95
C PRO A 864 35.49 11.83 13.26
N ASN A 865 34.32 11.31 13.62
CA ASN A 865 34.16 10.64 14.90
C ASN A 865 34.95 9.32 14.93
N GLN A 866 35.55 9.04 16.08
CA GLN A 866 36.35 7.85 16.28
C GLN A 866 35.50 6.59 16.45
N GLU A 867 34.33 6.74 17.07
CA GLU A 867 33.49 5.57 17.39
C GLU A 867 33.12 4.78 16.15
N TYR A 868 32.87 5.44 15.02
CA TYR A 868 32.51 4.70 13.82
C TYR A 868 33.68 3.89 13.28
N ALA A 869 34.87 4.47 13.31
CA ALA A 869 36.06 3.70 12.94
C ALA A 869 36.29 2.54 13.90
N ASP A 870 35.98 2.73 15.18
CA ASP A 870 36.03 1.61 16.12
C ASP A 870 35.00 0.53 15.78
N VAL A 871 33.83 0.93 15.28
CA VAL A 871 32.86 -0.05 14.78
C VAL A 871 33.45 -0.86 13.65
N PHE A 872 34.07 -0.18 12.68
CA PHE A 872 34.70 -0.90 11.57
C PHE A 872 35.81 -1.81 12.07
N HIS A 873 36.60 -1.35 13.04
CA HIS A 873 37.67 -2.17 13.60
C HIS A 873 37.12 -3.39 14.32
N LEU A 874 36.03 -3.23 15.07
CA LEU A 874 35.38 -4.36 15.73
C LEU A 874 34.92 -5.37 14.70
N TYR A 875 34.30 -4.90 13.61
CA TYR A 875 33.83 -5.83 12.58
C TYR A 875 34.99 -6.56 11.93
N LEU A 876 36.09 -5.85 11.67
CA LEU A 876 37.28 -6.49 11.11
C LEU A 876 37.85 -7.53 12.07
N GLN A 877 37.95 -7.20 13.35
CA GLN A 877 38.46 -8.14 14.34
C GLN A 877 37.56 -9.36 14.45
N TYR A 878 36.25 -9.17 14.38
CA TYR A 878 35.34 -10.29 14.51
C TYR A 878 35.40 -11.20 13.29
N ILE A 879 35.52 -10.62 12.09
CA ILE A 879 35.71 -11.44 10.89
C ILE A 879 37.05 -12.16 10.94
N ARG A 880 38.08 -11.50 11.46
CA ARG A 880 39.37 -12.16 11.64
C ARG A 880 39.25 -13.36 12.57
N LYS A 881 38.58 -13.18 13.71
CA LYS A 881 38.42 -14.26 14.67
C LYS A 881 37.63 -15.41 14.07
N LEU A 882 36.57 -15.10 13.31
CA LEU A 882 35.81 -16.14 12.65
C LEU A 882 36.65 -16.90 11.65
N HIS A 883 37.47 -16.19 10.87
CA HIS A 883 38.34 -16.86 9.90
C HIS A 883 39.39 -17.72 10.60
N ASP A 884 39.87 -17.29 11.76
CA ASP A 884 40.87 -18.08 12.47
C ASP A 884 40.26 -19.33 13.10
N GLU A 885 39.07 -19.21 13.70
CA GLU A 885 38.44 -20.40 14.27
C GLU A 885 37.95 -21.36 13.20
N LEU A 886 38.00 -20.95 11.93
CA LEU A 886 37.90 -21.89 10.82
C LEU A 886 39.25 -22.06 10.13
N TYR A 906 39.42 -11.87 2.11
CA TYR A 906 38.43 -10.91 2.57
C TYR A 906 38.68 -10.47 4.01
N TRP A 907 39.70 -11.02 4.66
CA TRP A 907 39.91 -10.72 6.08
C TRP A 907 40.78 -9.48 6.28
N GLU A 908 41.63 -9.15 5.32
CA GLU A 908 42.40 -7.92 5.41
C GLU A 908 41.55 -6.73 4.97
N PRO A 909 41.82 -5.53 5.48
CA PRO A 909 40.96 -4.38 5.13
C PRO A 909 40.99 -3.97 3.67
N GLU A 910 42.11 -4.19 2.97
CA GLU A 910 42.27 -3.61 1.63
C GLU A 910 41.21 -4.13 0.67
N PHE A 911 40.75 -5.37 0.87
CA PHE A 911 39.70 -5.93 0.01
C PHE A 911 38.48 -5.04 -0.03
N TYR A 912 38.18 -4.35 1.09
CA TYR A 912 37.01 -3.43 1.16
C TYR A 912 37.38 -2.05 0.63
N GLU A 913 38.66 -1.64 0.72
CA GLU A 913 39.09 -0.38 0.14
C GLU A 913 38.95 -0.39 -1.37
N ALA A 914 39.43 -1.46 -2.01
CA ALA A 914 39.30 -1.57 -3.46
C ALA A 914 37.86 -1.69 -3.90
N MET A 915 36.93 -1.96 -2.97
CA MET A 915 35.52 -1.98 -3.34
C MET A 915 35.03 -0.58 -3.70
N TYR A 916 35.68 0.46 -3.18
CA TYR A 916 35.19 1.82 -3.38
C TYR A 916 36.13 2.68 -4.20
N THR A 917 37.10 2.08 -4.90
CA THR A 917 37.98 2.82 -5.79
C THR A 917 37.49 2.68 -7.22
N PRO A 918 37.33 3.78 -7.96
CA PRO A 918 36.77 3.69 -9.31
C PRO A 918 37.78 3.21 -10.34
N HIS A 919 38.18 1.95 -10.24
CA HIS A 919 39.15 1.39 -11.19
C HIS A 919 38.54 0.22 -11.95
N ASP B 78 7.40 -35.57 -16.58
CA ASP B 78 6.36 -36.15 -15.74
C ASP B 78 6.13 -35.30 -14.50
N LYS B 79 6.82 -34.16 -14.44
CA LYS B 79 6.44 -33.07 -13.55
C LYS B 79 5.42 -32.13 -14.17
N ARG B 80 5.49 -31.92 -15.48
CA ARG B 80 4.43 -31.22 -16.19
C ARG B 80 3.11 -31.98 -16.04
N ALA B 81 3.14 -33.29 -16.30
CA ALA B 81 1.95 -34.11 -16.12
C ALA B 81 1.55 -34.19 -14.66
N LYS B 82 2.49 -34.07 -13.73
CA LYS B 82 2.17 -34.06 -12.32
C LYS B 82 1.24 -32.91 -11.98
N VAL B 83 1.66 -31.67 -12.31
CA VAL B 83 0.81 -30.53 -12.01
C VAL B 83 -0.44 -30.54 -12.88
N THR B 84 -0.36 -31.11 -14.08
CA THR B 84 -1.55 -31.31 -14.90
C THR B 84 -2.61 -32.11 -14.15
N SER B 85 -2.24 -33.31 -13.70
CA SER B 85 -3.17 -34.16 -12.95
C SER B 85 -3.59 -33.50 -11.64
N ALA B 86 -2.70 -32.76 -11.00
CA ALA B 86 -3.07 -32.08 -9.76
C ALA B 86 -4.19 -31.07 -9.99
N MET B 87 -4.00 -30.19 -10.98
CA MET B 87 -5.04 -29.23 -11.32
C MET B 87 -6.30 -29.93 -11.80
N GLN B 88 -6.16 -31.06 -12.49
CA GLN B 88 -7.34 -31.76 -13.00
C GLN B 88 -8.17 -32.35 -11.86
N THR B 89 -7.51 -32.96 -10.87
CA THR B 89 -8.24 -33.46 -9.71
C THR B 89 -8.83 -32.32 -8.88
N MET B 90 -8.11 -31.19 -8.79
CA MET B 90 -8.69 -30.03 -8.12
C MET B 90 -9.95 -29.56 -8.83
N LEU B 91 -9.91 -29.50 -10.16
CA LEU B 91 -11.10 -29.13 -10.92
C LEU B 91 -12.24 -30.12 -10.68
N PHE B 92 -11.92 -31.42 -10.67
CA PHE B 92 -12.98 -32.41 -10.49
C PHE B 92 -13.59 -32.37 -9.09
N THR B 93 -12.79 -32.05 -8.08
CA THR B 93 -13.36 -31.96 -6.73
C THR B 93 -14.13 -30.66 -6.52
N MET B 94 -13.75 -29.58 -7.21
CA MET B 94 -14.61 -28.41 -7.26
C MET B 94 -15.88 -28.66 -8.06
N LEU B 95 -15.84 -29.59 -9.02
CA LEU B 95 -17.04 -29.92 -9.78
C LEU B 95 -18.02 -30.78 -9.00
N ARG B 96 -17.52 -31.70 -8.17
CA ARG B 96 -18.44 -32.56 -7.43
C ARG B 96 -19.20 -31.78 -6.36
N LYS B 97 -18.70 -30.61 -5.97
CA LYS B 97 -19.35 -29.77 -4.99
C LYS B 97 -20.16 -28.64 -5.62
N LEU B 98 -20.43 -28.72 -6.92
CA LEU B 98 -20.78 -27.54 -7.70
C LEU B 98 -22.21 -27.57 -8.23
N ASP B 99 -22.61 -28.64 -8.89
CA ASP B 99 -23.76 -28.60 -9.80
C ASP B 99 -25.04 -28.67 -8.98
N ASN B 100 -25.81 -27.58 -8.97
CA ASN B 100 -27.17 -27.61 -8.49
C ASN B 100 -28.15 -27.16 -9.57
N ASP B 101 -29.41 -26.98 -9.20
CA ASP B 101 -30.42 -26.48 -10.13
C ASP B 101 -30.77 -25.01 -9.90
N ALA B 102 -30.58 -24.50 -8.68
CA ALA B 102 -30.83 -23.09 -8.40
C ALA B 102 -29.86 -22.18 -9.13
N LEU B 103 -28.59 -22.60 -9.23
CA LEU B 103 -27.64 -21.88 -10.08
C LEU B 103 -28.07 -21.91 -11.54
N ASN B 104 -28.62 -23.04 -11.99
CA ASN B 104 -29.11 -23.10 -13.36
C ASN B 104 -30.30 -22.18 -13.56
N ASN B 105 -31.18 -22.06 -12.56
CA ASN B 105 -32.30 -21.13 -12.67
C ASN B 105 -31.85 -19.68 -12.64
N ILE B 106 -30.85 -19.36 -11.82
CA ILE B 106 -30.34 -17.98 -11.81
C ILE B 106 -29.66 -17.65 -13.14
N ILE B 107 -29.02 -18.63 -13.76
CA ILE B 107 -28.45 -18.40 -15.08
C ILE B 107 -29.56 -18.20 -16.11
N ASN B 108 -30.57 -19.08 -16.09
CA ASN B 108 -31.66 -19.03 -17.04
C ASN B 108 -32.62 -17.86 -16.80
N ASN B 109 -32.42 -17.08 -15.75
CA ASN B 109 -33.15 -15.83 -15.56
C ASN B 109 -32.36 -14.62 -16.02
N ALA B 110 -31.27 -14.82 -16.75
CA ALA B 110 -30.47 -13.72 -17.28
C ALA B 110 -30.85 -13.44 -18.73
N ARG B 111 -30.18 -12.45 -19.31
CA ARG B 111 -30.45 -12.10 -20.70
C ARG B 111 -29.79 -13.07 -21.66
N ASP B 112 -28.49 -13.35 -21.47
CA ASP B 112 -27.75 -14.23 -22.37
C ASP B 112 -26.87 -15.21 -21.60
N GLY B 113 -27.16 -15.44 -20.33
CA GLY B 113 -26.36 -16.33 -19.50
C GLY B 113 -25.05 -15.75 -19.01
N CYS B 114 -24.70 -14.53 -19.39
CA CYS B 114 -23.46 -13.89 -18.98
C CYS B 114 -23.71 -13.09 -17.70
N VAL B 115 -23.06 -13.50 -16.62
CA VAL B 115 -23.48 -13.12 -15.27
C VAL B 115 -22.22 -12.76 -14.48
N PRO B 116 -22.29 -11.80 -13.56
CA PRO B 116 -21.11 -11.48 -12.75
C PRO B 116 -20.69 -12.65 -11.88
N LEU B 117 -19.57 -12.48 -11.18
CA LEU B 117 -19.08 -13.54 -10.30
C LEU B 117 -19.47 -13.28 -8.84
N ASN B 118 -19.57 -12.01 -8.44
CA ASN B 118 -19.83 -11.68 -7.04
C ASN B 118 -21.20 -12.15 -6.55
N ILE B 119 -22.04 -12.68 -7.44
CA ILE B 119 -23.40 -13.08 -7.07
C ILE B 119 -23.61 -14.57 -7.18
N ILE B 120 -22.60 -15.34 -7.56
CA ILE B 120 -22.75 -16.80 -7.60
C ILE B 120 -22.79 -17.37 -6.19
N PRO B 121 -21.78 -17.17 -5.33
CA PRO B 121 -21.90 -17.65 -3.95
C PRO B 121 -22.90 -16.87 -3.12
N LEU B 122 -23.20 -15.63 -3.49
CA LEU B 122 -24.15 -14.83 -2.72
C LEU B 122 -25.53 -15.46 -2.74
N THR B 123 -25.93 -16.03 -3.89
CA THR B 123 -27.27 -16.55 -4.07
C THR B 123 -27.31 -18.05 -4.36
N THR B 124 -26.18 -18.74 -4.32
CA THR B 124 -26.16 -20.17 -4.61
C THR B 124 -25.67 -21.03 -3.45
N ALA B 125 -24.53 -20.71 -2.86
CA ALA B 125 -23.98 -21.54 -1.79
C ALA B 125 -24.89 -21.54 -0.57
N ALA B 126 -24.85 -22.65 0.17
CA ALA B 126 -25.85 -22.96 1.18
C ALA B 126 -25.28 -22.94 2.59
N LYS B 127 -24.30 -22.07 2.85
CA LYS B 127 -23.69 -21.99 4.17
C LYS B 127 -22.95 -20.66 4.29
N LEU B 128 -23.27 -19.90 5.33
CA LEU B 128 -22.69 -18.59 5.57
C LEU B 128 -21.75 -18.64 6.76
N MET B 129 -20.65 -17.91 6.67
CA MET B 129 -19.66 -17.82 7.75
C MET B 129 -19.50 -16.35 8.12
N VAL B 130 -19.77 -16.04 9.39
CA VAL B 130 -19.60 -14.69 9.91
C VAL B 130 -18.56 -14.73 11.02
N VAL B 131 -17.55 -13.88 10.91
CA VAL B 131 -16.51 -13.72 11.93
C VAL B 131 -16.77 -12.44 12.69
N ILE B 132 -16.90 -12.54 14.00
CA ILE B 132 -17.44 -11.48 14.84
C ILE B 132 -16.35 -11.04 15.81
N PRO B 133 -15.84 -9.80 15.69
CA PRO B 133 -14.61 -9.44 16.43
C PRO B 133 -14.84 -9.17 17.91
N ASP B 134 -15.97 -8.57 18.26
CA ASP B 134 -16.25 -8.19 19.64
C ASP B 134 -17.72 -8.41 19.93
N TYR B 135 -18.18 -7.94 21.09
CA TYR B 135 -19.52 -8.28 21.53
C TYR B 135 -20.57 -7.32 20.97
N ASN B 136 -20.22 -6.06 20.71
CA ASN B 136 -21.22 -5.11 20.24
C ASN B 136 -21.74 -5.46 18.85
N THR B 137 -20.93 -6.14 18.04
CA THR B 137 -21.40 -6.53 16.71
C THR B 137 -22.07 -7.90 16.70
N TYR B 138 -21.74 -8.78 17.64
CA TYR B 138 -22.62 -9.91 17.91
C TYR B 138 -23.98 -9.44 18.39
N LYS B 139 -24.02 -8.32 19.14
CA LYS B 139 -25.29 -7.80 19.62
C LYS B 139 -26.06 -7.08 18.52
N ASN B 140 -25.36 -6.47 17.57
CA ASN B 140 -26.02 -5.72 16.51
C ASN B 140 -26.23 -6.51 15.22
N THR B 141 -25.68 -7.72 15.12
CA THR B 141 -25.78 -8.52 13.91
C THR B 141 -26.62 -9.77 14.10
N CYS B 142 -26.29 -10.61 15.08
CA CYS B 142 -26.78 -11.99 15.16
C CYS B 142 -27.42 -12.26 16.52
N ASP B 143 -28.12 -11.27 17.06
CA ASP B 143 -28.80 -11.44 18.35
C ASP B 143 -30.06 -12.28 18.17
N GLY B 144 -30.08 -13.46 18.77
CA GLY B 144 -31.15 -14.42 18.54
C GLY B 144 -30.64 -15.78 18.15
N THR B 145 -31.52 -16.62 17.60
CA THR B 145 -31.12 -17.87 16.96
C THR B 145 -31.02 -17.76 15.45
N THR B 146 -32.02 -17.14 14.81
CA THR B 146 -32.02 -16.95 13.37
C THR B 146 -31.81 -15.47 13.07
N PHE B 147 -31.00 -15.18 12.07
CA PHE B 147 -30.62 -13.81 11.73
C PHE B 147 -30.85 -13.58 10.24
N THR B 148 -30.69 -12.32 9.83
CA THR B 148 -31.11 -11.86 8.52
C THR B 148 -29.90 -11.31 7.77
N TYR B 149 -29.63 -11.86 6.59
CA TYR B 149 -28.59 -11.35 5.72
C TYR B 149 -28.89 -11.79 4.30
N ALA B 150 -28.63 -10.89 3.35
CA ALA B 150 -28.92 -11.12 1.93
C ALA B 150 -30.40 -11.38 1.70
N SER B 151 -31.25 -10.66 2.46
CA SER B 151 -32.69 -10.72 2.31
C SER B 151 -33.24 -12.13 2.52
N ALA B 152 -32.53 -12.94 3.29
CA ALA B 152 -32.95 -14.31 3.59
C ALA B 152 -32.74 -14.56 5.08
N LEU B 153 -33.28 -15.69 5.55
CA LEU B 153 -33.17 -16.10 6.93
C LEU B 153 -32.19 -17.25 7.05
N TRP B 154 -31.31 -17.17 8.05
CA TRP B 154 -30.25 -18.15 8.24
C TRP B 154 -30.40 -18.79 9.62
N GLU B 155 -30.04 -20.06 9.72
CA GLU B 155 -30.23 -20.84 10.94
C GLU B 155 -28.86 -21.25 11.47
N ILE B 156 -28.60 -20.90 12.72
CA ILE B 156 -27.24 -20.93 13.27
C ILE B 156 -26.87 -22.37 13.64
N GLN B 157 -25.57 -22.63 13.70
CA GLN B 157 -25.07 -23.89 14.25
C GLN B 157 -23.60 -23.69 14.63
N GLN B 158 -23.14 -24.48 15.59
CA GLN B 158 -21.71 -24.75 15.80
C GLN B 158 -20.92 -23.44 15.91
N VAL B 159 -21.27 -22.65 16.93
CA VAL B 159 -20.54 -21.42 17.21
C VAL B 159 -19.17 -21.76 17.80
N VAL B 160 -18.12 -21.18 17.21
CA VAL B 160 -16.75 -21.56 17.49
C VAL B 160 -15.96 -20.31 17.84
N ASP B 161 -15.10 -20.40 18.84
CA ASP B 161 -14.29 -19.27 19.26
C ASP B 161 -13.05 -19.15 18.37
N ALA B 162 -12.12 -18.26 18.73
CA ALA B 162 -10.94 -18.03 17.92
C ALA B 162 -9.90 -19.15 18.02
N ASP B 163 -10.18 -20.20 18.79
CA ASP B 163 -9.22 -21.26 19.03
C ASP B 163 -9.73 -22.63 18.59
N SER B 164 -10.80 -22.64 17.78
CA SER B 164 -11.39 -23.88 17.27
C SER B 164 -11.80 -24.82 18.40
N LYS B 165 -12.28 -24.24 19.50
CA LYS B 165 -12.94 -24.99 20.55
C LYS B 165 -14.41 -24.60 20.62
N ILE B 166 -15.27 -25.62 20.75
CA ILE B 166 -16.69 -25.42 20.51
C ILE B 166 -17.30 -24.66 21.67
N VAL B 167 -18.03 -23.59 21.37
CA VAL B 167 -18.64 -22.72 22.35
C VAL B 167 -20.15 -22.87 22.26
N GLN B 168 -20.80 -23.13 23.39
CA GLN B 168 -22.25 -23.13 23.43
C GLN B 168 -22.79 -21.71 23.36
N LEU B 169 -23.90 -21.55 22.63
CA LEU B 169 -24.53 -20.25 22.47
C LEU B 169 -24.95 -19.64 23.80
N SER B 170 -25.09 -20.45 24.85
CA SER B 170 -25.60 -19.99 26.13
C SER B 170 -24.55 -19.30 26.98
N GLU B 171 -23.41 -18.92 26.39
CA GLU B 171 -22.35 -18.23 27.12
C GLU B 171 -22.17 -16.79 26.69
N ILE B 172 -22.53 -16.44 25.46
CA ILE B 172 -22.09 -15.19 24.84
C ILE B 172 -22.98 -14.08 25.39
N SER B 173 -22.48 -13.38 26.40
CA SER B 173 -23.28 -12.48 27.21
C SER B 173 -22.54 -11.16 27.38
N MET B 174 -23.22 -10.19 27.98
CA MET B 174 -22.66 -8.85 28.15
C MET B 174 -21.56 -8.81 29.21
N ASP B 175 -21.54 -9.78 30.13
CA ASP B 175 -20.55 -9.82 31.20
C ASP B 175 -19.48 -10.88 30.99
N ASN B 176 -19.81 -11.98 30.33
CA ASN B 176 -18.88 -13.09 30.15
C ASN B 176 -18.00 -12.91 28.92
N SER B 177 -18.27 -11.91 28.08
CA SER B 177 -17.49 -11.73 26.87
C SER B 177 -15.99 -11.52 27.10
N PRO B 178 -15.52 -10.76 28.09
CA PRO B 178 -14.07 -10.60 28.25
C PRO B 178 -13.34 -11.89 28.62
N ASN B 179 -14.05 -12.94 28.99
CA ASN B 179 -13.43 -14.17 29.49
C ASN B 179 -13.19 -15.19 28.39
N LEU B 180 -13.59 -14.90 27.15
CA LEU B 180 -13.56 -15.87 26.08
C LEU B 180 -12.83 -15.27 24.89
N ALA B 181 -12.08 -16.10 24.17
CA ALA B 181 -11.16 -15.61 23.16
C ALA B 181 -11.94 -15.07 21.96
N TRP B 182 -11.58 -13.88 21.53
CA TRP B 182 -12.18 -13.32 20.33
C TRP B 182 -11.22 -13.44 19.15
N PRO B 183 -11.72 -13.45 17.90
CA PRO B 183 -13.13 -13.37 17.51
C PRO B 183 -13.85 -14.72 17.55
N LEU B 184 -15.07 -14.76 17.02
CA LEU B 184 -15.86 -15.98 16.99
C LEU B 184 -16.31 -16.29 15.57
N ILE B 185 -16.55 -17.57 15.29
CA ILE B 185 -16.92 -18.05 13.98
C ILE B 185 -18.37 -18.53 14.07
N VAL B 186 -19.27 -17.81 13.39
CA VAL B 186 -20.68 -18.18 13.33
C VAL B 186 -20.93 -18.85 11.99
N THR B 187 -21.24 -20.14 12.02
CA THR B 187 -21.48 -20.93 10.82
C THR B 187 -22.97 -21.22 10.71
N ALA B 188 -23.59 -20.73 9.63
CA ALA B 188 -25.03 -20.85 9.44
C ALA B 188 -25.31 -21.68 8.20
N LEU B 189 -26.48 -22.32 8.19
CA LEU B 189 -27.00 -23.00 7.02
C LEU B 189 -28.20 -22.26 6.46
N ARG B 190 -28.41 -22.39 5.15
CA ARG B 190 -29.43 -21.62 4.46
C ARG B 190 -30.81 -22.17 4.80
N ALA B 191 -31.64 -21.35 5.43
CA ALA B 191 -33.01 -21.71 5.73
C ALA B 191 -33.93 -21.28 4.60
N ASN B 192 -34.74 -22.22 4.12
CA ASN B 192 -35.75 -21.92 3.11
C ASN B 192 -36.85 -21.03 3.70
N SER C 1 24.72 -0.31 28.76
CA SER C 1 24.97 -1.68 29.18
C SER C 1 23.96 -2.13 30.22
N LYS C 2 23.16 -1.18 30.72
CA LYS C 2 21.95 -1.49 31.46
C LYS C 2 20.67 -1.23 30.67
N MET C 3 20.77 -0.71 29.45
CA MET C 3 19.61 -0.56 28.58
C MET C 3 19.57 -1.58 27.46
N SER C 4 20.71 -2.16 27.07
CA SER C 4 20.75 -3.16 26.01
C SER C 4 20.51 -4.57 26.56
N ASP C 5 21.06 -4.86 27.73
CA ASP C 5 20.91 -6.19 28.31
C ASP C 5 19.47 -6.53 28.63
N VAL C 6 18.68 -5.55 29.06
CA VAL C 6 17.27 -5.82 29.33
C VAL C 6 16.52 -6.20 28.05
N LYS C 7 16.85 -5.54 26.94
CA LYS C 7 16.22 -5.88 25.68
C LYS C 7 16.65 -7.25 25.18
N CYS C 8 17.93 -7.59 25.37
CA CYS C 8 18.38 -8.93 25.00
C CYS C 8 17.68 -10.00 25.81
N THR C 9 17.51 -9.77 27.12
CA THR C 9 16.77 -10.72 27.95
C THR C 9 15.32 -10.82 27.51
N SER C 10 14.69 -9.69 27.19
CA SER C 10 13.31 -9.74 26.72
C SER C 10 13.17 -10.57 25.45
N VAL C 11 14.09 -10.38 24.51
CA VAL C 11 14.02 -11.13 23.26
C VAL C 11 14.19 -12.61 23.51
N VAL C 12 15.20 -12.98 24.32
CA VAL C 12 15.43 -14.40 24.54
C VAL C 12 14.29 -15.03 25.33
N LEU C 13 13.68 -14.27 26.26
CA LEU C 13 12.55 -14.80 27.01
C LEU C 13 11.34 -15.03 26.12
N LEU C 14 11.06 -14.09 25.22
CA LEU C 14 9.93 -14.30 24.31
C LEU C 14 10.19 -15.45 23.35
N SER C 15 11.45 -15.65 22.94
CA SER C 15 11.77 -16.81 22.11
C SER C 15 11.53 -18.12 22.87
N VAL C 16 11.97 -18.18 24.13
CA VAL C 16 11.68 -19.35 24.95
C VAL C 16 10.18 -19.57 25.10
N LEU C 17 9.44 -18.50 25.40
CA LEU C 17 8.00 -18.62 25.59
C LEU C 17 7.33 -19.16 24.33
N GLN C 18 7.73 -18.67 23.16
CA GLN C 18 7.20 -19.21 21.91
C GLN C 18 7.58 -20.68 21.75
N GLN C 19 8.79 -21.04 22.15
CA GLN C 19 9.24 -22.42 22.00
C GLN C 19 8.51 -23.39 22.93
N LEU C 20 7.67 -22.89 23.83
CA LEU C 20 6.71 -23.72 24.54
C LEU C 20 5.26 -23.39 24.19
N ARG C 21 5.01 -22.94 22.96
CA ARG C 21 3.71 -23.08 22.28
C ARG C 21 2.58 -22.50 23.12
N VAL C 22 2.86 -21.35 23.73
CA VAL C 22 1.80 -20.56 24.37
C VAL C 22 0.93 -19.85 23.34
N GLU C 23 1.37 -19.79 22.08
CA GLU C 23 0.55 -19.22 21.02
C GLU C 23 -0.77 -19.96 20.81
N SER C 24 -0.95 -21.12 21.44
CA SER C 24 -2.23 -21.83 21.46
C SER C 24 -3.21 -21.24 22.46
N SER C 25 -2.98 -20.02 22.94
CA SER C 25 -4.03 -19.21 23.55
C SER C 25 -3.91 -17.80 23.00
N SER C 26 -5.03 -17.26 22.51
CA SER C 26 -5.01 -15.94 21.90
C SER C 26 -4.64 -14.86 22.91
N LYS C 27 -5.34 -14.82 24.05
CA LYS C 27 -5.19 -13.71 24.98
C LYS C 27 -3.79 -13.67 25.58
N LEU C 28 -3.29 -14.84 26.00
CA LEU C 28 -2.01 -14.90 26.69
C LEU C 28 -0.87 -14.53 25.74
N TRP C 29 -0.90 -15.07 24.52
CA TRP C 29 0.14 -14.75 23.55
C TRP C 29 0.06 -13.30 23.08
N ALA C 30 -1.16 -12.75 23.00
CA ALA C 30 -1.30 -11.33 22.67
C ALA C 30 -0.68 -10.46 23.76
N GLN C 31 -0.96 -10.77 25.02
CA GLN C 31 -0.34 -10.04 26.12
C GLN C 31 1.18 -10.17 26.10
N CYS C 32 1.68 -11.37 25.79
CA CYS C 32 3.13 -11.57 25.75
C CYS C 32 3.77 -10.72 24.67
N VAL C 33 3.21 -10.74 23.46
CA VAL C 33 3.81 -9.96 22.38
C VAL C 33 3.66 -8.47 22.63
N GLN C 34 2.56 -8.05 23.27
CA GLN C 34 2.42 -6.63 23.62
C GLN C 34 3.50 -6.20 24.60
N LEU C 35 3.73 -6.99 25.65
CA LEU C 35 4.77 -6.66 26.61
C LEU C 35 6.15 -6.66 25.95
N HIS C 36 6.39 -7.62 25.06
CA HIS C 36 7.69 -7.69 24.38
C HIS C 36 7.93 -6.45 23.52
N ASN C 37 6.94 -6.08 22.71
CA ASN C 37 7.11 -4.91 21.86
C ASN C 37 7.16 -3.61 22.66
N ASP C 38 6.51 -3.57 23.82
CA ASP C 38 6.60 -2.37 24.66
C ASP C 38 7.95 -2.29 25.35
N ILE C 39 8.57 -3.43 25.65
CA ILE C 39 9.93 -3.42 26.18
C ILE C 39 10.92 -2.96 25.10
N LEU C 40 10.80 -3.53 23.90
CA LEU C 40 11.75 -3.21 22.83
C LEU C 40 11.57 -1.79 22.28
N LEU C 41 10.69 -0.99 22.87
CA LEU C 41 10.55 0.42 22.55
C LEU C 41 10.84 1.33 23.72
N ALA C 42 11.26 0.79 24.86
CA ALA C 42 11.44 1.61 26.05
C ALA C 42 12.67 2.50 25.91
N LYS C 43 12.54 3.76 26.31
CA LYS C 43 13.65 4.68 26.40
C LYS C 43 13.90 5.17 27.82
N ASP C 44 13.24 4.57 28.81
CA ASP C 44 13.49 4.86 30.21
C ASP C 44 13.97 3.59 30.90
N THR C 45 14.55 3.77 32.09
CA THR C 45 15.24 2.69 32.77
C THR C 45 14.34 1.89 33.69
N THR C 46 13.18 2.42 34.06
CA THR C 46 12.44 1.93 35.21
C THR C 46 11.36 0.93 34.83
N GLU C 47 10.40 1.33 33.99
CA GLU C 47 9.27 0.47 33.66
C GLU C 47 9.68 -0.76 32.86
N ALA C 48 10.84 -0.71 32.20
CA ALA C 48 11.34 -1.89 31.50
C ALA C 48 11.48 -3.07 32.46
N PHE C 49 11.96 -2.80 33.68
CA PHE C 49 12.13 -3.88 34.65
C PHE C 49 10.78 -4.39 35.18
N GLU C 50 9.80 -3.50 35.32
CA GLU C 50 8.45 -3.95 35.66
C GLU C 50 7.90 -4.88 34.59
N LYS C 51 8.03 -4.50 33.32
CA LYS C 51 7.56 -5.39 32.25
C LYS C 51 8.36 -6.68 32.19
N MET C 52 9.65 -6.63 32.51
CA MET C 52 10.48 -7.83 32.55
C MET C 52 10.01 -8.78 33.64
N VAL C 53 9.72 -8.26 34.83
CA VAL C 53 9.22 -9.12 35.91
C VAL C 53 7.83 -9.64 35.59
N SER C 54 7.01 -8.84 34.91
CA SER C 54 5.69 -9.33 34.52
C SER C 54 5.80 -10.47 33.51
N LEU C 55 6.74 -10.39 32.57
CA LEU C 55 6.90 -11.47 31.60
C LEU C 55 7.52 -12.69 32.24
N LEU C 56 8.41 -12.51 33.21
CA LEU C 56 8.93 -13.66 33.93
C LEU C 56 7.87 -14.31 34.81
N SER C 57 6.94 -13.52 35.36
CA SER C 57 5.77 -14.10 36.03
C SER C 57 4.90 -14.86 35.05
N VAL C 58 4.76 -14.36 33.82
CA VAL C 58 4.03 -15.10 32.80
C VAL C 58 4.70 -16.45 32.53
N LEU C 59 6.04 -16.46 32.48
CA LEU C 59 6.75 -17.70 32.22
C LEU C 59 6.59 -18.67 33.38
N LEU C 60 6.78 -18.20 34.61
CA LEU C 60 6.84 -19.07 35.78
C LEU C 60 5.49 -19.27 36.44
N SER C 61 4.41 -18.76 35.83
CA SER C 61 3.06 -19.08 36.27
C SER C 61 2.52 -20.34 35.64
N MET C 62 2.85 -20.60 34.37
CA MET C 62 2.65 -21.91 33.79
C MET C 62 3.85 -22.81 34.11
N GLN C 63 3.63 -24.11 34.06
CA GLN C 63 4.60 -25.08 34.54
C GLN C 63 5.75 -25.21 33.56
N GLY C 64 6.75 -24.34 33.71
CA GLY C 64 7.90 -24.39 32.81
C GLY C 64 8.75 -25.63 33.04
N ALA C 65 9.42 -26.05 31.97
CA ALA C 65 10.29 -27.21 32.02
C ALA C 65 11.58 -26.89 32.76
N THR D 84 18.47 -28.61 23.77
CA THR D 84 17.24 -27.91 24.07
C THR D 84 17.34 -27.14 25.39
N SER D 85 18.18 -27.65 26.29
CA SER D 85 18.35 -27.00 27.59
C SER D 85 19.11 -25.69 27.46
N ALA D 86 20.00 -25.59 26.47
CA ALA D 86 20.97 -24.49 26.41
C ALA D 86 20.26 -23.14 26.36
N MET D 87 19.12 -23.05 25.69
CA MET D 87 18.40 -21.78 25.63
C MET D 87 17.97 -21.33 27.03
N GLN D 88 17.44 -22.26 27.83
CA GLN D 88 17.04 -21.90 29.18
C GLN D 88 18.25 -21.62 30.07
N THR D 89 19.35 -22.34 29.86
CA THR D 89 20.57 -22.05 30.62
C THR D 89 21.06 -20.64 30.34
N MET D 90 21.11 -20.24 29.07
CA MET D 90 21.50 -18.89 28.72
C MET D 90 20.52 -17.85 29.27
N LEU D 91 19.22 -18.13 29.18
CA LEU D 91 18.23 -17.22 29.74
C LEU D 91 18.46 -17.00 31.22
N PHE D 92 18.64 -18.10 31.97
CA PHE D 92 18.80 -17.98 33.42
C PHE D 92 20.12 -17.33 33.80
N THR D 93 21.20 -17.59 33.06
CA THR D 93 22.46 -16.92 33.37
C THR D 93 22.37 -15.42 33.08
N MET D 94 21.71 -15.04 31.99
CA MET D 94 21.51 -13.61 31.72
C MET D 94 20.65 -12.97 32.80
N LEU D 95 19.60 -13.67 33.24
CA LEU D 95 18.72 -13.14 34.28
C LEU D 95 19.47 -12.94 35.58
N ARG D 96 20.32 -13.90 35.95
CA ARG D 96 21.12 -13.77 37.16
C ARG D 96 22.15 -12.66 37.03
N LYS D 97 22.69 -12.44 35.82
CA LYS D 97 23.60 -11.33 35.60
C LYS D 97 22.89 -9.99 35.70
N LEU D 98 21.60 -9.94 35.36
CA LEU D 98 20.88 -8.67 35.36
C LEU D 98 20.91 -8.00 36.72
N ASP D 99 20.69 -8.76 37.78
CA ASP D 99 20.87 -8.30 39.17
C ASP D 99 19.99 -7.09 39.45
N ASN D 100 18.69 -7.32 39.38
CA ASN D 100 17.69 -6.47 40.01
C ASN D 100 17.08 -7.19 41.21
N ASP D 101 16.33 -6.44 42.02
CA ASP D 101 15.73 -6.98 43.22
C ASP D 101 14.55 -7.89 42.92
N ALA D 102 13.60 -7.41 42.10
CA ALA D 102 12.37 -8.17 41.87
C ALA D 102 12.62 -9.47 41.12
N LEU D 103 13.53 -9.45 40.14
CA LEU D 103 13.84 -10.66 39.38
C LEU D 103 14.38 -11.75 40.30
N ASN D 104 15.40 -11.43 41.10
CA ASN D 104 15.98 -12.42 42.00
C ASN D 104 14.98 -12.83 43.09
N ASN D 105 14.16 -11.89 43.54
CA ASN D 105 13.10 -12.23 44.50
C ASN D 105 12.18 -13.30 43.93
N ILE D 106 11.70 -13.09 42.70
CA ILE D 106 10.78 -14.04 42.09
C ILE D 106 11.47 -15.37 41.81
N ILE D 107 12.76 -15.33 41.43
CA ILE D 107 13.50 -16.57 41.20
C ILE D 107 13.62 -17.37 42.49
N ASN D 108 13.97 -16.70 43.59
CA ASN D 108 14.10 -17.39 44.87
C ASN D 108 12.76 -17.94 45.33
N ASN D 109 11.67 -17.19 45.13
CA ASN D 109 10.35 -17.69 45.49
C ASN D 109 9.99 -18.94 44.69
N ALA D 110 10.23 -18.89 43.37
CA ALA D 110 9.87 -20.03 42.53
C ALA D 110 10.74 -21.25 42.80
N ARG D 111 12.02 -21.05 43.16
CA ARG D 111 12.85 -22.19 43.50
C ARG D 111 12.47 -22.77 44.86
N ASP D 112 12.10 -21.92 45.81
CA ASP D 112 11.50 -22.41 47.05
C ASP D 112 10.16 -23.07 46.78
N GLY D 113 9.47 -22.64 45.73
CA GLY D 113 8.20 -23.25 45.35
C GLY D 113 7.09 -22.23 45.15
N CYS D 114 7.29 -21.02 45.67
CA CYS D 114 6.25 -20.00 45.67
C CYS D 114 6.18 -19.39 44.28
N VAL D 115 5.29 -19.93 43.44
CA VAL D 115 5.03 -19.37 42.12
C VAL D 115 3.66 -18.69 42.13
N PRO D 116 3.44 -17.70 41.28
CA PRO D 116 2.10 -17.14 41.11
C PRO D 116 1.27 -18.00 40.15
N LEU D 117 0.03 -17.57 39.94
CA LEU D 117 -0.92 -18.30 39.11
C LEU D 117 -1.49 -17.47 37.98
N ASN D 118 -1.09 -16.20 37.84
CA ASN D 118 -1.57 -15.36 36.75
C ASN D 118 -0.54 -14.26 36.49
N ILE D 119 -0.87 -13.38 35.55
CA ILE D 119 -0.03 -12.24 35.25
C ILE D 119 -0.12 -11.23 36.39
N ILE D 120 1.02 -10.72 36.82
CA ILE D 120 1.01 -9.54 37.70
C ILE D 120 0.39 -8.37 36.95
N PRO D 121 -0.63 -7.72 37.49
CA PRO D 121 -1.14 -6.49 36.89
C PRO D 121 -0.23 -5.30 37.21
N LEU D 122 -0.06 -4.43 36.22
CA LEU D 122 0.87 -3.32 36.34
C LEU D 122 0.27 -2.17 37.14
N LYS D 127 -5.60 -8.95 41.97
CA LYS D 127 -5.62 -9.66 40.70
C LYS D 127 -4.46 -10.65 40.60
N LEU D 128 -3.48 -10.51 41.48
CA LEU D 128 -2.33 -11.41 41.49
C LEU D 128 -2.67 -12.63 42.34
N MET D 129 -2.54 -13.81 41.73
CA MET D 129 -2.86 -15.07 42.38
C MET D 129 -1.57 -15.88 42.58
N VAL D 130 -1.42 -16.44 43.77
CA VAL D 130 -0.16 -17.08 44.19
C VAL D 130 -0.48 -18.32 45.00
N VAL D 131 0.29 -19.38 44.78
CA VAL D 131 0.14 -20.64 45.51
C VAL D 131 1.22 -20.71 46.59
N ILE D 132 0.79 -20.69 47.85
CA ILE D 132 1.70 -20.74 48.99
C ILE D 132 2.06 -22.18 49.32
N PRO D 133 3.29 -22.62 49.05
CA PRO D 133 3.64 -24.04 49.22
C PRO D 133 3.54 -24.50 50.67
N ASP D 134 4.13 -23.72 51.58
CA ASP D 134 4.31 -24.15 52.95
C ASP D 134 4.19 -22.94 53.86
N TYR D 135 3.91 -23.21 55.13
CA TYR D 135 3.75 -22.13 56.12
C TYR D 135 5.01 -21.30 56.29
N ASN D 136 6.19 -21.87 56.01
CA ASN D 136 7.42 -21.10 56.12
C ASN D 136 7.45 -19.92 55.17
N THR D 137 6.93 -20.06 53.95
CA THR D 137 6.87 -18.93 53.04
C THR D 137 5.76 -17.96 53.40
N TYR D 138 4.68 -18.43 54.02
CA TYR D 138 3.67 -17.53 54.54
C TYR D 138 4.26 -16.65 55.64
N LYS D 139 5.03 -17.26 56.54
CA LYS D 139 5.65 -16.49 57.61
C LYS D 139 6.70 -15.52 57.08
N ASN D 140 7.52 -15.96 56.12
CA ASN D 140 8.59 -15.10 55.62
C ASN D 140 8.08 -14.00 54.70
N THR D 141 6.91 -14.17 54.08
CA THR D 141 6.40 -13.21 53.11
C THR D 141 5.16 -12.46 53.57
N CYS D 142 4.19 -13.16 54.14
CA CYS D 142 2.99 -12.50 54.66
C CYS D 142 3.24 -12.08 56.11
N ASP D 143 3.02 -10.80 56.40
CA ASP D 143 3.00 -10.28 57.76
C ASP D 143 1.58 -9.78 58.05
N GLY D 144 0.79 -10.61 58.72
CA GLY D 144 -0.60 -10.29 58.98
C GLY D 144 -1.44 -10.20 57.72
N THR D 145 -1.89 -8.99 57.41
CA THR D 145 -2.46 -8.70 56.10
C THR D 145 -1.45 -8.09 55.13
N THR D 146 -0.31 -7.60 55.63
CA THR D 146 0.70 -7.05 54.74
C THR D 146 1.52 -8.18 54.12
N PHE D 147 1.80 -8.06 52.83
CA PHE D 147 2.47 -9.10 52.07
C PHE D 147 3.55 -8.46 51.22
N THR D 148 4.79 -8.88 51.41
CA THR D 148 5.93 -8.34 50.65
C THR D 148 6.23 -9.26 49.48
N TYR D 149 5.99 -8.77 48.27
CA TYR D 149 6.24 -9.52 47.05
C TYR D 149 6.55 -8.52 45.96
N ALA D 150 7.83 -8.43 45.60
CA ALA D 150 8.28 -7.50 44.55
C ALA D 150 7.96 -6.06 44.90
N LEU D 153 4.49 -3.40 46.73
CA LEU D 153 4.10 -4.62 47.44
C LEU D 153 2.59 -4.69 47.60
N TRP D 154 2.07 -5.91 47.47
CA TRP D 154 0.65 -6.16 47.32
C TRP D 154 0.07 -6.45 48.70
N GLU D 155 -1.00 -5.73 49.04
CA GLU D 155 -1.62 -5.81 50.36
C GLU D 155 -2.81 -6.75 50.23
N ILE D 156 -2.74 -7.90 50.92
CA ILE D 156 -3.53 -9.06 50.54
C ILE D 156 -4.58 -9.37 51.60
N GLN D 157 -5.86 -9.23 51.24
CA GLN D 157 -6.87 -9.95 51.98
C GLN D 157 -7.82 -10.72 51.08
N GLN D 158 -7.46 -11.93 50.66
CA GLN D 158 -8.40 -12.95 50.19
C GLN D 158 -7.89 -14.30 50.63
N VAL D 159 -8.52 -14.89 51.64
CA VAL D 159 -8.09 -16.18 52.18
C VAL D 159 -9.26 -17.15 52.15
N VAL D 160 -9.12 -18.23 51.38
CA VAL D 160 -10.11 -19.29 51.45
C VAL D 160 -9.46 -20.62 51.85
N ASP D 161 -8.73 -21.23 50.91
CA ASP D 161 -7.92 -22.43 51.12
C ASP D 161 -7.31 -22.87 49.78
N ALA D 162 -6.64 -24.02 49.80
CA ALA D 162 -6.58 -24.84 48.60
C ALA D 162 -7.96 -25.35 48.17
N ASP D 163 -8.77 -25.81 49.12
CA ASP D 163 -9.90 -26.68 48.83
C ASP D 163 -11.19 -25.93 48.51
N SER D 164 -11.11 -24.62 48.25
CA SER D 164 -12.26 -23.79 47.87
C SER D 164 -13.32 -23.78 48.97
N LYS D 165 -12.87 -23.57 50.21
CA LYS D 165 -13.73 -23.27 51.34
C LYS D 165 -13.01 -22.31 52.27
N ILE D 166 -13.70 -21.22 52.66
CA ILE D 166 -13.02 -20.15 53.39
C ILE D 166 -12.46 -20.69 54.70
N VAL D 167 -11.25 -20.25 55.04
CA VAL D 167 -10.74 -20.37 56.40
C VAL D 167 -10.38 -19.01 56.95
N PRO D 183 -2.22 -25.62 51.17
CA PRO D 183 -1.81 -24.36 50.53
C PRO D 183 -2.86 -23.26 50.75
N LEU D 184 -2.64 -22.09 50.14
CA LEU D 184 -3.57 -20.98 50.28
C LEU D 184 -3.45 -20.08 49.05
N ILE D 185 -4.58 -19.80 48.42
CA ILE D 185 -4.65 -18.90 47.27
C ILE D 185 -5.13 -17.53 47.74
N VAL D 186 -4.29 -16.52 47.61
CA VAL D 186 -4.61 -15.16 48.01
C VAL D 186 -4.44 -14.22 46.82
N THR D 187 -5.46 -13.41 46.55
CA THR D 187 -5.49 -12.48 45.43
C THR D 187 -5.64 -11.05 45.95
N ALA D 188 -4.87 -10.13 45.39
CA ALA D 188 -4.82 -8.76 45.90
C ALA D 188 -4.57 -7.78 44.75
N LEU D 189 -4.55 -6.49 45.10
CA LEU D 189 -4.35 -5.41 44.16
C LEU D 189 -3.31 -4.45 44.72
N ARG D 190 -2.75 -3.62 43.85
CA ARG D 190 -1.62 -2.76 44.19
C ARG D 190 -2.09 -1.60 45.06
N ALA D 191 -1.54 -1.49 46.26
CA ALA D 191 -1.86 -0.40 47.17
C ALA D 191 -0.61 0.41 47.52
ZN ZN E . -11.79 6.93 -26.54
ZN ZN F . 4.49 -4.91 -28.23
#